data_4DG1
#
_entry.id   4DG1
#
_cell.length_a   159.230
_cell.length_b   72.150
_cell.length_c   109.240
_cell.angle_alpha   90.00
_cell.angle_beta   97.52
_cell.angle_gamma   90.00
#
_symmetry.space_group_name_H-M   'C 1 2 1'
#
loop_
_entity.id
_entity.type
_entity.pdbx_description
1 polymer 'Reverse Transcriptase P66 subunit'
2 polymer 'Reverse Transcriptase P51 subunit'
3 non-polymer 'MAGNESIUM ION'
4 non-polymer 1,2-ETHANEDIOL
5 non-polymer GLYCEROL
6 water water
#
loop_
_entity_poly.entity_id
_entity_poly.type
_entity_poly.pdbx_seq_one_letter_code
_entity_poly.pdbx_strand_id
1 'polypeptide(L)'
;PISPIETVPVKLKPGMDGPKVKQWPLTEEKIKALVEICTEMEKEGKISKIGPENPYNTPVFAIKKKDSTKWRKLVDFREL
NKRTQDFWEVQLGIPHPAGLKKKKSVTVLDVGDAYFSVPLDEDFRKYTAFTIPSINNETPGIRYQYNVLPQGWKGSPAIF
QSSMTKILEPFAAQNPDIVIYQYMDDLYVGSDLEIGQHRTKIEELRQHLLRWGLTTPDKKHQKEPPFLWMGYELHPDKWT
VQPIVLPEKDSWTVNDIQKLVGKLNWASQIYPGIKVRQLSKLLRGTKALTEVIPLTEEAELELAENREILKEPVHGVYYD
PSKDLIAEIQKQGQGQWTYQIYQEPFKNLKTGKYARMRGAHTNDVKQLTEAVQKITTESIVIWGKTPKFKLPIQKETWET
WWTEYWQATWIPEWEFVNTPPLVKLWYQLEKEPIVGAETFYVDGAANRETKLGKAGYVTNKGRQKVVPLTNTTNQKTELQ
AIYLALQDSGLEVNIVTDSQYALGIIQAQPDKSESELVNQIIEQLIKKEKVYLAWVPAHKGIGGNEQVD
;
A
2 'polypeptide(L)'
;PISPIETVPVKLKPGMDGPKVKQWPLTEEKIKALVEICTEMEKEGKISKIGPENPYNTPVFAIKKKDSTKWRKLVDFREL
NKRTQDFWEVQLGIPHPAGLKKKKSVTVLDVGDAYFSVPLDEDFRKYTAFTIPSINNETPGIRYQYNVLPQGWKGSPAIF
QSSMTKILEPFKKQNPDIVIYQYMDDLYVGSDLEIGQHRTKIEELRQHLLRWGLTTPDKKHQKEPPFLWMGYELHPDKWT
VQPIVLPEKDSWTVNDIQKLVGKLNWASQIYPGIKVRQLSKLLRGTKALTEVIPLTEEAELELAENREILKEPVHGVYYD
PSKDLIAEIQKQGQGQWTYQIYQEPFKNLKTGKYARMRGAHTNDVKQLTEAVQKITTESIVIWGKTPKFKLPIQKETWET
WWTEYWQATWIPEWEFVNTPPLVKLWY
;
B
#
loop_
_chem_comp.id
_chem_comp.type
_chem_comp.name
_chem_comp.formula
EDO non-polymer 1,2-ETHANEDIOL 'C2 H6 O2'
GOL non-polymer GLYCEROL 'C3 H8 O3'
MG non-polymer 'MAGNESIUM ION' 'Mg 2'
#
# COMPACT_ATOMS: atom_id res chain seq x y z
N PRO A 1 22.30 -45.47 -1.47
CA PRO A 1 23.04 -44.94 -2.63
C PRO A 1 22.10 -44.36 -3.67
N ILE A 2 20.80 -44.39 -3.40
CA ILE A 2 19.81 -43.87 -4.34
C ILE A 2 19.24 -42.54 -3.85
N SER A 3 18.62 -41.80 -4.77
CA SER A 3 18.40 -40.38 -4.56
C SER A 3 17.17 -39.90 -5.34
N PRO A 4 16.26 -39.22 -4.67
CA PRO A 4 15.02 -38.80 -5.34
C PRO A 4 14.60 -37.36 -5.10
N ILE A 5 14.08 -36.70 -6.15
CA ILE A 5 13.51 -35.36 -6.00
C ILE A 5 12.29 -35.15 -6.90
N GLU A 6 11.39 -34.25 -6.50
CA GLU A 6 10.25 -33.86 -7.36
C GLU A 6 10.47 -32.64 -8.26
N THR A 7 10.08 -32.74 -9.53
CA THR A 7 10.29 -31.61 -10.44
C THR A 7 9.15 -30.62 -10.48
N VAL A 8 9.45 -29.38 -10.83
CA VAL A 8 8.43 -28.34 -10.93
C VAL A 8 8.02 -28.19 -12.40
N PRO A 9 6.69 -28.27 -12.71
CA PRO A 9 6.26 -28.14 -14.10
C PRO A 9 6.53 -26.72 -14.59
N VAL A 10 7.17 -26.61 -15.75
CA VAL A 10 7.53 -25.30 -16.28
C VAL A 10 6.90 -25.15 -17.65
N LYS A 11 6.60 -23.91 -18.02
CA LYS A 11 5.99 -23.64 -19.32
C LYS A 11 6.57 -22.37 -19.92
N LEU A 12 6.49 -22.24 -21.24
CA LEU A 12 6.95 -21.02 -21.88
C LEU A 12 5.77 -20.06 -21.80
N LYS A 13 6.02 -18.78 -21.97
CA LYS A 13 4.92 -17.80 -21.96
C LYS A 13 3.91 -18.17 -23.03
N PRO A 14 2.62 -17.89 -22.77
CA PRO A 14 1.53 -18.19 -23.71
C PRO A 14 1.75 -17.57 -25.09
N GLY A 15 1.59 -18.37 -26.14
CA GLY A 15 1.77 -17.87 -27.49
C GLY A 15 3.21 -17.86 -28.00
N MET A 16 4.16 -18.22 -27.14
CA MET A 16 5.57 -18.23 -27.53
C MET A 16 6.16 -19.62 -27.75
N ASP A 17 7.08 -19.70 -28.70
CA ASP A 17 7.76 -20.93 -29.02
C ASP A 17 9.13 -20.90 -28.37
N GLY A 18 9.80 -22.04 -28.34
CA GLY A 18 11.12 -22.10 -27.75
C GLY A 18 12.15 -21.23 -28.47
N PRO A 19 13.38 -21.14 -27.93
CA PRO A 19 14.47 -20.35 -28.51
C PRO A 19 15.10 -21.03 -29.72
N LYS A 20 15.51 -20.24 -30.70
CA LYS A 20 16.14 -20.73 -31.93
C LYS A 20 17.26 -19.78 -32.34
N VAL A 21 18.23 -19.58 -31.46
CA VAL A 21 19.36 -18.70 -31.70
C VAL A 21 20.51 -19.53 -32.24
N LYS A 22 21.04 -19.13 -33.40
CA LYS A 22 22.13 -19.85 -34.05
C LYS A 22 23.46 -19.75 -33.31
N GLN A 23 24.22 -20.85 -33.35
CA GLN A 23 25.53 -20.93 -32.72
C GLN A 23 26.59 -20.28 -33.62
N TRP A 24 27.35 -19.33 -33.08
CA TRP A 24 28.40 -18.66 -33.86
C TRP A 24 29.72 -19.47 -33.84
N PRO A 25 30.70 -19.03 -34.65
CA PRO A 25 32.00 -19.69 -34.73
C PRO A 25 32.78 -19.73 -33.41
N LEU A 26 33.51 -20.83 -33.20
CA LEU A 26 34.31 -20.98 -32.00
C LEU A 26 35.68 -21.51 -32.38
N THR A 27 36.73 -21.01 -31.73
CA THR A 27 38.09 -21.47 -32.01
C THR A 27 38.30 -22.94 -31.68
N GLU A 28 39.25 -23.55 -32.38
CA GLU A 28 39.56 -24.97 -32.19
C GLU A 28 39.85 -25.27 -30.72
N GLU A 29 40.49 -24.32 -30.05
CA GLU A 29 40.82 -24.47 -28.64
C GLU A 29 39.57 -24.56 -27.77
N LYS A 30 38.70 -23.56 -27.88
CA LYS A 30 37.47 -23.52 -27.11
C LYS A 30 36.56 -24.70 -27.38
N ILE A 31 36.57 -25.18 -28.62
CA ILE A 31 35.75 -26.32 -28.99
C ILE A 31 36.19 -27.58 -28.26
N LYS A 32 37.49 -27.83 -28.23
CA LYS A 32 38.04 -29.00 -27.55
C LYS A 32 37.76 -28.92 -26.05
N ALA A 33 37.84 -27.70 -25.52
CA ALA A 33 37.58 -27.47 -24.11
C ALA A 33 36.13 -27.87 -23.81
N LEU A 34 35.22 -27.32 -24.61
CA LEU A 34 33.80 -27.59 -24.44
C LEU A 34 33.47 -29.08 -24.58
N VAL A 35 34.08 -29.73 -25.55
CA VAL A 35 33.83 -31.16 -25.74
C VAL A 35 34.21 -31.93 -24.48
N GLU A 36 35.31 -31.55 -23.85
CA GLU A 36 35.76 -32.22 -22.65
C GLU A 36 34.75 -31.97 -21.53
N ILE A 37 34.56 -30.69 -21.18
CA ILE A 37 33.62 -30.30 -20.14
C ILE A 37 32.30 -31.05 -20.27
N CYS A 38 31.73 -30.98 -21.47
CA CYS A 38 30.46 -31.62 -21.72
C CYS A 38 30.50 -33.13 -21.50
N THR A 39 31.63 -33.74 -21.83
CA THR A 39 31.79 -35.18 -21.63
C THR A 39 31.68 -35.45 -20.15
N GLU A 40 32.36 -34.64 -19.36
CA GLU A 40 32.34 -34.75 -17.91
C GLU A 40 30.90 -34.58 -17.39
N MET A 41 30.25 -33.50 -17.82
CA MET A 41 28.88 -33.19 -17.42
C MET A 41 27.92 -34.30 -17.78
N GLU A 42 28.08 -34.85 -18.99
CA GLU A 42 27.20 -35.92 -19.44
C GLU A 42 27.40 -37.17 -18.59
N LYS A 43 28.61 -37.33 -18.06
CA LYS A 43 28.93 -38.46 -17.20
C LYS A 43 28.24 -38.33 -15.84
N GLU A 44 27.99 -37.09 -15.44
CA GLU A 44 27.34 -36.84 -14.15
C GLU A 44 25.84 -36.70 -14.30
N GLY A 45 25.35 -36.84 -15.52
CA GLY A 45 23.94 -36.73 -15.78
C GLY A 45 23.41 -35.30 -15.85
N LYS A 46 24.30 -34.31 -15.87
CA LYS A 46 23.88 -32.92 -15.92
C LYS A 46 23.26 -32.60 -17.28
N ILE A 47 23.80 -33.20 -18.33
CA ILE A 47 23.28 -33.01 -19.69
C ILE A 47 23.19 -34.34 -20.43
N SER A 48 22.38 -34.36 -21.49
CA SER A 48 22.23 -35.54 -22.31
C SER A 48 22.40 -35.13 -23.76
N LYS A 49 23.04 -36.01 -24.53
CA LYS A 49 23.25 -35.75 -25.95
C LYS A 49 21.96 -36.07 -26.68
N ILE A 50 21.53 -35.15 -27.52
CA ILE A 50 20.29 -35.34 -28.29
C ILE A 50 20.59 -35.42 -29.79
N GLY A 51 19.56 -35.76 -30.55
CA GLY A 51 19.71 -35.86 -31.99
C GLY A 51 19.51 -34.56 -32.73
N PRO A 52 19.41 -34.61 -34.07
CA PRO A 52 19.22 -33.45 -34.94
C PRO A 52 17.76 -32.97 -35.00
N GLU A 53 16.85 -33.83 -34.55
CA GLU A 53 15.42 -33.53 -34.55
C GLU A 53 14.96 -32.30 -33.72
N ASN A 54 15.65 -32.02 -32.62
CA ASN A 54 15.31 -30.88 -31.75
C ASN A 54 15.64 -29.58 -32.50
N PRO A 55 14.62 -28.75 -32.75
CA PRO A 55 14.75 -27.47 -33.47
C PRO A 55 15.24 -26.29 -32.64
N TYR A 56 15.33 -26.48 -31.33
CA TYR A 56 15.74 -25.38 -30.46
C TYR A 56 17.25 -25.26 -30.29
N ASN A 57 17.70 -24.04 -29.97
CA ASN A 57 19.11 -23.83 -29.76
C ASN A 57 19.42 -22.56 -29.01
N THR A 58 20.44 -22.63 -28.18
CA THR A 58 20.90 -21.49 -27.41
C THR A 58 22.43 -21.48 -27.57
N PRO A 59 23.03 -20.31 -27.82
CA PRO A 59 24.50 -20.25 -27.98
C PRO A 59 25.29 -20.54 -26.72
N VAL A 60 26.48 -21.10 -26.92
CA VAL A 60 27.38 -21.43 -25.82
C VAL A 60 28.71 -20.71 -25.98
N PHE A 61 29.29 -20.32 -24.85
CA PHE A 61 30.57 -19.63 -24.77
C PHE A 61 31.59 -20.55 -24.10
N ALA A 62 32.83 -20.08 -24.04
CA ALA A 62 33.94 -20.78 -23.42
C ALA A 62 34.92 -19.71 -22.96
N ILE A 63 35.29 -19.75 -21.67
CA ILE A 63 36.22 -18.75 -21.12
C ILE A 63 37.00 -19.28 -19.91
N LYS A 64 37.57 -18.34 -19.17
CA LYS A 64 38.33 -18.60 -17.93
C LYS A 64 39.85 -18.71 -18.07
N LYS A 65 40.50 -18.64 -16.92
CA LYS A 65 41.95 -18.72 -16.76
C LYS A 65 42.35 -20.11 -16.26
N LYS A 66 43.50 -20.60 -16.72
CA LYS A 66 43.98 -21.93 -16.32
C LYS A 66 44.34 -22.03 -14.84
N ASP A 67 44.44 -20.87 -14.17
CA ASP A 67 44.79 -20.83 -12.76
C ASP A 67 44.00 -21.84 -11.92
N SER A 68 42.74 -21.51 -11.63
CA SER A 68 41.89 -22.39 -10.84
C SER A 68 41.79 -23.73 -11.58
N THR A 69 41.48 -23.66 -12.87
CA THR A 69 41.37 -24.85 -13.71
C THR A 69 41.43 -24.43 -15.17
N LYS A 70 41.11 -25.35 -16.08
CA LYS A 70 41.14 -25.09 -17.51
C LYS A 70 40.08 -24.06 -17.95
N TRP A 71 39.21 -24.43 -18.88
CA TRP A 71 38.18 -23.52 -19.36
C TRP A 71 36.86 -23.68 -18.61
N ARG A 72 35.94 -22.74 -18.85
CA ARG A 72 34.62 -22.78 -18.26
C ARG A 72 33.57 -22.61 -19.37
N LYS A 73 32.51 -23.39 -19.27
CA LYS A 73 31.43 -23.35 -20.25
C LYS A 73 30.35 -22.39 -19.79
N LEU A 74 29.96 -21.47 -20.66
CA LEU A 74 28.93 -20.49 -20.35
C LEU A 74 27.84 -20.48 -21.40
N VAL A 75 26.60 -20.78 -20.98
CA VAL A 75 25.48 -20.79 -21.89
C VAL A 75 24.64 -19.53 -21.66
N ASP A 76 24.38 -18.78 -22.71
CA ASP A 76 23.60 -17.56 -22.62
C ASP A 76 22.13 -17.81 -22.88
N PHE A 77 21.34 -17.83 -21.81
CA PHE A 77 19.91 -18.10 -21.87
C PHE A 77 19.01 -16.87 -22.04
N ARG A 78 19.59 -15.74 -22.45
CA ARG A 78 18.80 -14.52 -22.62
C ARG A 78 17.50 -14.74 -23.37
N GLU A 79 17.56 -15.39 -24.52
CA GLU A 79 16.37 -15.64 -25.30
C GLU A 79 15.38 -16.60 -24.62
N LEU A 80 15.87 -17.69 -24.06
CA LEU A 80 14.98 -18.66 -23.39
C LEU A 80 14.29 -18.03 -22.18
N ASN A 81 15.01 -17.16 -21.48
CA ASN A 81 14.49 -16.48 -20.30
C ASN A 81 13.35 -15.54 -20.65
N LYS A 82 13.44 -14.92 -21.83
CA LYS A 82 12.41 -14.00 -22.29
C LYS A 82 11.16 -14.77 -22.66
N ARG A 83 11.33 -16.03 -23.06
CA ARG A 83 10.20 -16.87 -23.44
C ARG A 83 9.69 -17.77 -22.30
N THR A 84 10.38 -17.76 -21.16
CA THR A 84 9.98 -18.60 -20.05
C THR A 84 8.93 -17.93 -19.14
N GLN A 85 7.96 -18.71 -18.72
CA GLN A 85 6.92 -18.20 -17.83
C GLN A 85 7.54 -17.48 -16.62
N ASP A 86 6.75 -16.64 -15.97
CA ASP A 86 7.18 -15.94 -14.77
C ASP A 86 7.08 -16.94 -13.61
N PHE A 87 7.87 -16.71 -12.57
CA PHE A 87 7.87 -17.57 -11.39
C PHE A 87 7.64 -16.73 -10.16
N TRP A 88 7.31 -17.38 -9.04
CA TRP A 88 7.11 -16.66 -7.79
C TRP A 88 8.41 -15.99 -7.36
N GLU A 89 8.28 -14.79 -6.82
CA GLU A 89 9.43 -14.00 -6.37
C GLU A 89 10.19 -14.67 -5.23
N VAL A 90 11.48 -14.94 -5.46
CA VAL A 90 12.34 -15.54 -4.44
C VAL A 90 12.67 -14.49 -3.38
N GLN A 91 13.05 -13.30 -3.85
CA GLN A 91 13.40 -12.18 -3.00
C GLN A 91 12.23 -11.74 -2.11
N LEU A 92 11.78 -10.49 -2.28
CA LEU A 92 10.66 -9.92 -1.51
C LEU A 92 11.07 -9.15 -0.24
N GLY A 93 12.28 -9.44 0.26
CA GLY A 93 12.75 -8.77 1.46
C GLY A 93 14.05 -9.38 1.93
N ILE A 94 14.88 -8.56 2.52
CA ILE A 94 16.16 -9.01 3.00
C ILE A 94 16.20 -9.02 4.51
N PRO A 95 16.60 -10.14 5.12
CA PRO A 95 16.68 -10.26 6.58
C PRO A 95 17.62 -9.22 7.20
N HIS A 96 17.18 -8.59 8.28
CA HIS A 96 18.00 -7.63 8.99
C HIS A 96 18.59 -8.33 10.21
N PRO A 97 19.92 -8.21 10.41
CA PRO A 97 20.59 -8.85 11.54
C PRO A 97 19.96 -8.62 12.91
N ALA A 98 19.39 -7.44 13.14
CA ALA A 98 18.77 -7.14 14.44
C ALA A 98 17.43 -7.85 14.62
N GLY A 99 17.02 -8.57 13.58
CA GLY A 99 15.78 -9.31 13.64
C GLY A 99 16.04 -10.69 14.20
N LEU A 100 17.31 -11.05 14.27
CA LEU A 100 17.66 -12.36 14.80
C LEU A 100 17.65 -12.32 16.33
N LYS A 101 17.30 -13.45 16.94
CA LYS A 101 17.30 -13.56 18.40
C LYS A 101 18.65 -14.16 18.75
N LYS A 102 19.14 -13.91 19.97
CA LYS A 102 20.42 -14.46 20.38
C LYS A 102 20.38 -15.99 20.44
N LYS A 103 21.45 -16.61 19.94
CA LYS A 103 21.58 -18.07 19.95
C LYS A 103 23.01 -18.39 20.42
N LYS A 104 23.16 -19.44 21.24
CA LYS A 104 24.51 -19.82 21.71
C LYS A 104 25.35 -20.42 20.58
N SER A 105 24.77 -21.33 19.81
CA SER A 105 25.51 -21.97 18.73
C SER A 105 24.92 -21.66 17.37
N VAL A 106 25.79 -21.37 16.41
CA VAL A 106 25.35 -21.04 15.06
C VAL A 106 26.31 -21.62 14.05
N THR A 107 25.78 -22.04 12.91
CA THR A 107 26.59 -22.57 11.82
C THR A 107 25.96 -22.10 10.52
N VAL A 108 26.80 -21.72 9.56
CA VAL A 108 26.32 -21.29 8.26
C VAL A 108 26.84 -22.27 7.21
N LEU A 109 25.95 -22.81 6.40
CA LEU A 109 26.31 -23.75 5.34
C LEU A 109 26.06 -23.15 3.98
N ASP A 110 26.96 -23.42 3.04
CA ASP A 110 26.82 -22.89 1.69
C ASP A 110 26.16 -23.90 0.77
N VAL A 111 24.99 -23.55 0.26
CA VAL A 111 24.24 -24.42 -0.64
C VAL A 111 24.14 -23.71 -2.00
N GLY A 112 25.18 -22.96 -2.35
CA GLY A 112 25.17 -22.23 -3.61
C GLY A 112 25.26 -23.08 -4.87
N ASP A 113 25.86 -24.26 -4.76
CA ASP A 113 26.02 -25.17 -5.90
C ASP A 113 24.95 -26.27 -5.99
N ALA A 114 24.22 -26.48 -4.90
CA ALA A 114 23.19 -27.52 -4.86
C ALA A 114 22.11 -27.43 -5.96
N TYR A 115 21.93 -26.24 -6.54
CA TYR A 115 20.91 -26.06 -7.58
C TYR A 115 21.20 -26.91 -8.82
N PHE A 116 22.48 -27.19 -9.06
CA PHE A 116 22.89 -28.00 -10.20
C PHE A 116 22.62 -29.50 -9.97
N SER A 117 21.95 -29.84 -8.86
CA SER A 117 21.62 -31.21 -8.58
C SER A 117 20.12 -31.42 -8.55
N VAL A 118 19.39 -30.39 -8.97
CA VAL A 118 17.95 -30.47 -8.99
C VAL A 118 17.55 -30.75 -10.44
N PRO A 119 16.75 -31.81 -10.64
CA PRO A 119 16.31 -32.19 -11.98
C PRO A 119 15.41 -31.15 -12.61
N LEU A 120 15.49 -31.04 -13.93
CA LEU A 120 14.68 -30.08 -14.66
C LEU A 120 13.44 -30.79 -15.18
N ASP A 121 12.31 -30.09 -15.20
CA ASP A 121 11.06 -30.66 -15.71
C ASP A 121 11.38 -31.34 -17.07
N GLU A 122 11.13 -32.64 -17.14
CA GLU A 122 11.40 -33.42 -18.33
C GLU A 122 10.95 -32.80 -19.66
N ASP A 123 9.70 -32.37 -19.72
CA ASP A 123 9.16 -31.77 -20.94
C ASP A 123 9.68 -30.38 -21.26
N PHE A 124 10.49 -29.80 -20.38
CA PHE A 124 11.01 -28.49 -20.65
C PHE A 124 12.46 -28.57 -21.11
N ARG A 125 13.10 -29.72 -20.87
CA ARG A 125 14.51 -29.87 -21.20
C ARG A 125 14.87 -29.54 -22.65
N LYS A 126 14.02 -29.98 -23.58
CA LYS A 126 14.27 -29.73 -25.00
C LYS A 126 14.46 -28.26 -25.37
N TYR A 127 14.01 -27.33 -24.52
CA TYR A 127 14.17 -25.90 -24.82
C TYR A 127 15.53 -25.36 -24.44
N THR A 128 16.33 -26.19 -23.76
CA THR A 128 17.66 -25.79 -23.31
C THR A 128 18.75 -26.36 -24.24
N ALA A 129 18.34 -26.87 -25.39
CA ALA A 129 19.27 -27.45 -26.34
C ALA A 129 20.34 -26.47 -26.76
N PHE A 130 21.60 -26.92 -26.77
CA PHE A 130 22.70 -26.09 -27.24
C PHE A 130 23.59 -26.94 -28.14
N THR A 131 24.48 -26.29 -28.89
CA THR A 131 25.35 -27.03 -29.81
C THR A 131 26.82 -26.64 -29.75
N ILE A 132 27.68 -27.64 -29.78
CA ILE A 132 29.10 -27.38 -29.79
C ILE A 132 29.56 -27.49 -31.25
N PRO A 133 29.91 -26.36 -31.88
CA PRO A 133 30.36 -26.38 -33.29
C PRO A 133 31.54 -27.34 -33.50
N SER A 134 31.59 -27.99 -34.66
CA SER A 134 32.66 -28.94 -34.95
C SER A 134 33.93 -28.24 -35.43
N ILE A 135 35.06 -28.90 -35.18
CA ILE A 135 36.40 -28.45 -35.53
C ILE A 135 36.45 -27.36 -36.60
N ASN A 136 36.04 -27.69 -37.82
CA ASN A 136 36.03 -26.70 -38.89
C ASN A 136 34.89 -26.85 -39.87
N ASN A 137 33.67 -26.86 -39.33
CA ASN A 137 32.44 -26.96 -40.11
C ASN A 137 32.38 -28.23 -40.92
N GLU A 138 33.19 -29.23 -40.58
CA GLU A 138 33.17 -30.44 -41.40
C GLU A 138 32.36 -31.58 -40.81
N THR A 139 31.89 -31.38 -39.60
CA THR A 139 31.09 -32.41 -38.94
C THR A 139 29.92 -31.74 -38.25
N PRO A 140 28.79 -32.45 -38.09
CA PRO A 140 27.65 -31.82 -37.42
C PRO A 140 28.00 -31.55 -35.96
N GLY A 141 27.66 -30.35 -35.46
CA GLY A 141 27.96 -30.03 -34.08
C GLY A 141 27.35 -31.04 -33.12
N ILE A 142 27.94 -31.17 -31.93
CA ILE A 142 27.40 -32.07 -30.94
C ILE A 142 26.21 -31.37 -30.25
N ARG A 143 25.07 -32.05 -30.20
CA ARG A 143 23.88 -31.48 -29.58
C ARG A 143 23.63 -32.00 -28.16
N TYR A 144 23.34 -31.07 -27.26
CA TYR A 144 23.06 -31.40 -25.85
C TYR A 144 21.85 -30.60 -25.33
N GLN A 145 21.22 -31.12 -24.28
CA GLN A 145 20.11 -30.44 -23.61
C GLN A 145 20.35 -30.72 -22.11
N TYR A 146 19.94 -29.80 -21.25
CA TYR A 146 20.12 -29.95 -19.82
C TYR A 146 19.13 -30.91 -19.16
N ASN A 147 19.57 -31.52 -18.07
CA ASN A 147 18.69 -32.43 -17.32
C ASN A 147 18.50 -31.82 -15.93
N VAL A 148 19.26 -30.78 -15.62
CA VAL A 148 19.19 -30.11 -14.33
C VAL A 148 19.00 -28.60 -14.52
N LEU A 149 18.63 -27.91 -13.45
CA LEU A 149 18.44 -26.46 -13.51
C LEU A 149 19.72 -25.84 -14.06
N PRO A 150 19.63 -25.09 -15.18
CA PRO A 150 20.80 -24.46 -15.79
C PRO A 150 21.28 -23.23 -15.03
N GLN A 151 22.59 -23.04 -15.00
CA GLN A 151 23.18 -21.93 -14.28
C GLN A 151 22.53 -20.55 -14.47
N GLY A 152 22.31 -20.13 -15.71
CA GLY A 152 21.73 -18.81 -15.88
C GLY A 152 20.25 -18.73 -16.25
N TRP A 153 19.55 -19.84 -16.21
CA TRP A 153 18.13 -19.86 -16.55
C TRP A 153 17.25 -19.16 -15.51
N LYS A 154 16.19 -18.55 -16.03
CA LYS A 154 15.22 -17.79 -15.25
C LYS A 154 14.56 -18.52 -14.07
N GLY A 155 14.29 -19.81 -14.24
CA GLY A 155 13.64 -20.53 -13.15
C GLY A 155 14.52 -21.23 -12.16
N SER A 156 15.85 -21.18 -12.36
CA SER A 156 16.74 -21.89 -11.46
C SER A 156 16.72 -21.42 -10.00
N PRO A 157 16.82 -20.10 -9.75
CA PRO A 157 16.79 -19.63 -8.37
C PRO A 157 15.53 -20.02 -7.59
N ALA A 158 14.37 -19.75 -8.19
CA ALA A 158 13.09 -20.06 -7.57
C ALA A 158 12.80 -21.55 -7.40
N ILE A 159 13.10 -22.34 -8.42
CA ILE A 159 12.86 -23.78 -8.34
C ILE A 159 13.79 -24.40 -7.32
N PHE A 160 15.04 -23.95 -7.30
CA PHE A 160 15.97 -24.48 -6.34
C PHE A 160 15.51 -24.17 -4.87
N GLN A 161 15.09 -22.93 -4.64
CA GLN A 161 14.68 -22.50 -3.30
C GLN A 161 13.46 -23.27 -2.79
N SER A 162 12.50 -23.53 -3.67
CA SER A 162 11.31 -24.25 -3.28
C SER A 162 11.64 -25.72 -3.03
N SER A 163 12.57 -26.25 -3.80
CA SER A 163 12.99 -27.64 -3.63
C SER A 163 13.71 -27.82 -2.29
N MET A 164 14.56 -26.86 -1.96
CA MET A 164 15.33 -26.89 -0.74
C MET A 164 14.39 -26.82 0.47
N THR A 165 13.43 -25.90 0.38
CA THR A 165 12.46 -25.71 1.44
C THR A 165 11.73 -27.01 1.71
N LYS A 166 11.34 -27.72 0.65
CA LYS A 166 10.63 -28.99 0.82
C LYS A 166 11.47 -30.07 1.48
N ILE A 167 12.75 -30.09 1.13
CA ILE A 167 13.66 -31.07 1.72
C ILE A 167 13.96 -30.78 3.20
N LEU A 168 14.05 -29.51 3.55
CA LEU A 168 14.35 -29.10 4.91
C LEU A 168 13.15 -29.18 5.85
N GLU A 169 11.94 -29.13 5.31
CA GLU A 169 10.71 -29.17 6.10
C GLU A 169 10.67 -30.27 7.14
N PRO A 170 10.91 -31.51 6.78
CA PRO A 170 10.88 -32.60 7.76
C PRO A 170 11.99 -32.53 8.80
N PHE A 171 13.16 -32.06 8.40
CA PHE A 171 14.28 -31.97 9.33
C PHE A 171 14.02 -30.90 10.39
N ALA A 172 13.54 -29.73 9.95
CA ALA A 172 13.25 -28.65 10.87
C ALA A 172 12.12 -29.03 11.82
N ALA A 173 11.07 -29.61 11.28
CA ALA A 173 9.92 -29.99 12.08
C ALA A 173 10.24 -31.04 13.13
N GLN A 174 11.19 -31.92 12.83
CA GLN A 174 11.55 -32.95 13.78
C GLN A 174 12.75 -32.58 14.61
N ASN A 175 13.21 -31.34 14.47
CA ASN A 175 14.32 -30.83 15.26
C ASN A 175 13.97 -29.40 15.64
N PRO A 176 12.89 -29.22 16.42
CA PRO A 176 12.40 -27.92 16.87
C PRO A 176 13.39 -27.19 17.77
N ASP A 177 14.45 -27.87 18.22
CA ASP A 177 15.44 -27.23 19.06
C ASP A 177 16.51 -26.49 18.24
N ILE A 178 16.29 -26.41 16.93
CA ILE A 178 17.22 -25.68 16.07
C ILE A 178 16.41 -24.79 15.14
N VAL A 179 17.02 -23.70 14.70
CA VAL A 179 16.40 -22.74 13.81
C VAL A 179 17.12 -22.76 12.48
N ILE A 180 16.37 -22.88 11.38
CA ILE A 180 16.99 -22.89 10.06
C ILE A 180 16.44 -21.76 9.19
N TYR A 181 17.34 -20.91 8.66
CA TYR A 181 16.93 -19.82 7.78
C TYR A 181 17.74 -19.94 6.50
N GLN A 182 17.10 -19.69 5.36
CA GLN A 182 17.78 -19.80 4.08
C GLN A 182 17.68 -18.52 3.27
N TYR A 183 18.80 -17.84 3.06
CA TYR A 183 18.81 -16.63 2.25
C TYR A 183 19.66 -16.89 1.02
N MET A 184 19.02 -16.90 -0.14
CA MET A 184 19.72 -17.15 -1.40
C MET A 184 20.55 -18.44 -1.36
N ASP A 185 21.80 -18.33 -0.94
CA ASP A 185 22.66 -19.51 -0.89
C ASP A 185 23.29 -19.83 0.47
N ASP A 186 22.94 -19.06 1.50
CA ASP A 186 23.46 -19.27 2.84
C ASP A 186 22.40 -19.96 3.71
N LEU A 187 22.80 -21.01 4.42
CA LEU A 187 21.87 -21.70 5.29
C LEU A 187 22.30 -21.45 6.73
N TYR A 188 21.51 -20.66 7.45
CA TYR A 188 21.80 -20.34 8.85
C TYR A 188 21.16 -21.39 9.77
N VAL A 189 21.98 -22.02 10.60
CA VAL A 189 21.47 -23.00 11.56
C VAL A 189 21.90 -22.57 12.95
N GLY A 190 20.94 -22.21 13.78
CA GLY A 190 21.29 -21.79 15.12
C GLY A 190 20.50 -22.50 16.19
N SER A 191 21.08 -22.59 17.39
CA SER A 191 20.38 -23.24 18.50
C SER A 191 20.96 -22.75 19.82
N ASP A 192 20.44 -23.29 20.91
CA ASP A 192 20.92 -22.96 22.25
C ASP A 192 21.47 -24.23 22.86
N LEU A 193 21.93 -25.15 22.01
CA LEU A 193 22.49 -26.42 22.46
C LEU A 193 23.97 -26.28 22.66
N GLU A 194 24.53 -27.17 23.49
CA GLU A 194 25.96 -27.16 23.75
C GLU A 194 26.64 -27.46 22.42
N ILE A 195 27.81 -26.88 22.19
CA ILE A 195 28.50 -27.06 20.92
C ILE A 195 28.59 -28.52 20.43
N GLY A 196 28.84 -29.45 21.34
CA GLY A 196 28.93 -30.85 20.95
C GLY A 196 27.67 -31.32 20.25
N GLN A 197 26.54 -31.08 20.89
CA GLN A 197 25.23 -31.44 20.36
C GLN A 197 24.87 -30.68 19.07
N HIS A 198 25.21 -29.40 19.02
CA HIS A 198 24.94 -28.57 17.86
C HIS A 198 25.68 -29.19 16.66
N ARG A 199 26.97 -29.47 16.81
CA ARG A 199 27.74 -30.08 15.72
C ARG A 199 27.10 -31.38 15.23
N THR A 200 26.55 -32.14 16.16
CA THR A 200 25.90 -33.41 15.82
C THR A 200 24.69 -33.13 14.92
N LYS A 201 23.90 -32.10 15.25
CA LYS A 201 22.74 -31.75 14.43
C LYS A 201 23.19 -31.30 13.03
N ILE A 202 24.32 -30.60 12.97
CA ILE A 202 24.84 -30.16 11.66
C ILE A 202 25.21 -31.37 10.81
N GLU A 203 25.92 -32.33 11.41
CA GLU A 203 26.29 -33.53 10.69
C GLU A 203 25.03 -34.24 10.17
N GLU A 204 24.03 -34.38 11.03
CA GLU A 204 22.80 -35.05 10.63
C GLU A 204 22.09 -34.29 9.53
N LEU A 205 22.16 -32.96 9.58
CA LEU A 205 21.52 -32.13 8.54
C LEU A 205 22.22 -32.34 7.18
N ARG A 206 23.54 -32.43 7.19
CA ARG A 206 24.27 -32.63 5.94
C ARG A 206 24.01 -34.03 5.39
N GLN A 207 23.91 -35.02 6.26
CA GLN A 207 23.63 -36.38 5.79
C GLN A 207 22.18 -36.43 5.28
N HIS A 208 21.32 -35.62 5.88
CA HIS A 208 19.92 -35.54 5.46
C HIS A 208 19.90 -35.00 4.02
N LEU A 209 20.62 -33.90 3.79
CA LEU A 209 20.68 -33.30 2.47
C LEU A 209 21.29 -34.26 1.45
N LEU A 210 22.27 -35.03 1.92
CA LEU A 210 22.96 -36.00 1.08
C LEU A 210 22.00 -37.04 0.50
N ARG A 211 20.95 -37.37 1.24
CA ARG A 211 19.98 -38.35 0.75
C ARG A 211 19.28 -37.87 -0.53
N TRP A 212 19.30 -36.56 -0.78
CA TRP A 212 18.67 -36.05 -2.00
C TRP A 212 19.71 -35.64 -3.05
N GLY A 213 20.96 -36.07 -2.85
CA GLY A 213 22.02 -35.75 -3.77
C GLY A 213 22.41 -34.29 -3.70
N LEU A 214 22.37 -33.74 -2.49
CA LEU A 214 22.72 -32.34 -2.28
C LEU A 214 23.84 -32.25 -1.28
N THR A 215 25.02 -31.89 -1.75
CA THR A 215 26.22 -31.79 -0.92
C THR A 215 26.55 -30.38 -0.47
N THR A 216 27.29 -30.28 0.64
CA THR A 216 27.70 -28.98 1.17
C THR A 216 29.21 -28.95 1.22
N PRO A 217 29.83 -27.88 0.71
CA PRO A 217 31.30 -27.78 0.73
C PRO A 217 31.92 -28.25 2.05
N ASP A 218 33.13 -28.80 1.98
CA ASP A 218 33.81 -29.29 3.15
C ASP A 218 34.12 -28.22 4.20
N LYS A 219 34.43 -28.69 5.40
CA LYS A 219 34.75 -27.84 6.54
C LYS A 219 35.71 -26.72 6.19
N LYS A 220 35.20 -25.50 6.15
CA LYS A 220 36.01 -24.33 5.86
C LYS A 220 36.56 -23.82 7.19
N HIS A 221 37.52 -24.56 7.74
CA HIS A 221 38.13 -24.22 9.02
C HIS A 221 38.53 -22.76 9.21
N GLN A 222 38.01 -22.16 10.28
CA GLN A 222 38.30 -20.77 10.59
C GLN A 222 37.80 -20.43 11.99
N LYS A 223 38.40 -19.42 12.60
CA LYS A 223 38.02 -19.01 13.95
C LYS A 223 36.64 -18.35 14.01
N GLU A 224 35.82 -18.84 14.94
CA GLU A 224 34.47 -18.30 15.14
C GLU A 224 34.22 -18.20 16.64
N PRO A 225 33.48 -17.17 17.10
CA PRO A 225 32.89 -16.12 16.26
C PRO A 225 33.97 -15.25 15.60
N PRO A 226 33.60 -14.45 14.60
CA PRO A 226 32.27 -14.26 14.05
C PRO A 226 31.78 -15.34 13.08
N PHE A 227 30.46 -15.49 13.00
CA PHE A 227 29.82 -16.45 12.09
C PHE A 227 29.34 -15.61 10.91
N LEU A 228 29.78 -15.95 9.70
CA LEU A 228 29.36 -15.17 8.53
C LEU A 228 28.06 -15.64 7.90
N TRP A 229 27.08 -14.76 7.89
CA TRP A 229 25.79 -15.07 7.29
C TRP A 229 25.35 -13.92 6.41
N MET A 230 25.26 -14.19 5.12
CA MET A 230 24.87 -13.19 4.12
C MET A 230 25.41 -11.78 4.34
N GLY A 231 26.70 -11.68 4.61
CA GLY A 231 27.35 -10.40 4.80
C GLY A 231 27.39 -9.89 6.22
N TYR A 232 26.67 -10.54 7.13
CA TYR A 232 26.69 -10.08 8.52
C TYR A 232 27.66 -10.93 9.35
N GLU A 233 28.42 -10.29 10.23
CA GLU A 233 29.33 -11.04 11.09
C GLU A 233 28.59 -11.22 12.41
N LEU A 234 28.12 -12.44 12.64
CA LEU A 234 27.37 -12.73 13.85
C LEU A 234 28.21 -13.19 15.02
N HIS A 235 28.04 -12.52 16.14
CA HIS A 235 28.72 -12.88 17.39
C HIS A 235 27.62 -13.35 18.33
N PRO A 236 27.99 -13.99 19.44
CA PRO A 236 27.00 -14.49 20.40
C PRO A 236 26.15 -13.40 21.05
N ASP A 237 26.73 -12.20 21.21
CA ASP A 237 26.06 -11.08 21.87
C ASP A 237 25.72 -9.86 20.99
N LYS A 238 26.42 -9.72 19.87
CA LYS A 238 26.18 -8.59 18.99
C LYS A 238 26.47 -9.00 17.55
N TRP A 239 26.13 -8.13 16.62
CA TRP A 239 26.39 -8.44 15.23
C TRP A 239 27.15 -7.26 14.62
N THR A 240 27.79 -7.50 13.49
CA THR A 240 28.57 -6.44 12.87
C THR A 240 28.58 -6.57 11.35
N VAL A 241 28.70 -5.43 10.69
CA VAL A 241 28.84 -5.43 9.24
C VAL A 241 30.13 -4.65 9.00
N GLN A 242 31.12 -5.30 8.41
CA GLN A 242 32.38 -4.64 8.14
C GLN A 242 32.23 -3.56 7.06
N PRO A 243 33.16 -2.58 7.04
CA PRO A 243 33.08 -1.52 6.03
C PRO A 243 32.96 -2.12 4.62
N ILE A 244 32.09 -1.54 3.80
CA ILE A 244 31.89 -2.02 2.45
C ILE A 244 32.67 -1.18 1.45
N VAL A 245 33.67 -1.78 0.83
CA VAL A 245 34.46 -1.02 -0.12
C VAL A 245 33.77 -1.06 -1.49
N LEU A 246 33.54 0.12 -2.05
CA LEU A 246 32.92 0.21 -3.36
C LEU A 246 34.02 0.27 -4.39
N PRO A 247 33.76 -0.27 -5.60
CA PRO A 247 34.75 -0.26 -6.68
C PRO A 247 35.19 1.15 -7.06
N GLU A 248 36.45 1.30 -7.47
CA GLU A 248 36.99 2.59 -7.88
C GLU A 248 37.44 2.52 -9.33
N LYS A 249 36.66 3.11 -10.22
CA LYS A 249 37.01 3.10 -11.64
C LYS A 249 36.46 4.35 -12.32
N ASP A 250 36.90 4.59 -13.55
CA ASP A 250 36.44 5.76 -14.29
C ASP A 250 35.54 5.35 -15.46
N SER A 251 35.35 4.05 -15.61
CA SER A 251 34.51 3.50 -16.66
C SER A 251 33.54 2.49 -16.04
N TRP A 252 32.25 2.70 -16.27
CA TRP A 252 31.23 1.81 -15.70
C TRP A 252 30.32 1.19 -16.74
N THR A 253 30.10 -0.12 -16.60
CA THR A 253 29.20 -0.85 -17.49
C THR A 253 27.85 -1.05 -16.80
N VAL A 254 26.84 -1.36 -17.58
CA VAL A 254 25.50 -1.59 -17.05
C VAL A 254 25.54 -2.65 -15.96
N ASN A 255 26.36 -3.69 -16.19
CA ASN A 255 26.49 -4.77 -15.24
C ASN A 255 27.16 -4.27 -13.97
N ASP A 256 28.21 -3.45 -14.10
CA ASP A 256 28.90 -2.91 -12.94
C ASP A 256 27.91 -2.15 -12.05
N ILE A 257 27.08 -1.33 -12.69
CA ILE A 257 26.12 -0.52 -11.98
C ILE A 257 24.99 -1.33 -11.33
N GLN A 258 24.56 -2.40 -11.99
CA GLN A 258 23.50 -3.24 -11.45
C GLN A 258 24.01 -3.92 -10.18
N LYS A 259 25.28 -4.29 -10.20
CA LYS A 259 25.85 -4.94 -9.03
C LYS A 259 26.04 -3.90 -7.93
N LEU A 260 26.40 -2.69 -8.33
CA LEU A 260 26.60 -1.60 -7.37
C LEU A 260 25.28 -1.21 -6.68
N VAL A 261 24.23 -1.06 -7.46
CA VAL A 261 22.93 -0.71 -6.90
C VAL A 261 22.41 -1.87 -6.06
N GLY A 262 22.73 -3.08 -6.47
CA GLY A 262 22.31 -4.25 -5.73
C GLY A 262 23.00 -4.28 -4.37
N LYS A 263 24.24 -3.84 -4.32
CA LYS A 263 25.01 -3.84 -3.09
C LYS A 263 24.51 -2.71 -2.16
N LEU A 264 24.23 -1.56 -2.75
CA LEU A 264 23.73 -0.41 -2.02
C LEU A 264 22.33 -0.67 -1.42
N ASN A 265 21.48 -1.39 -2.17
CA ASN A 265 20.12 -1.71 -1.71
C ASN A 265 20.20 -2.58 -0.48
N TRP A 266 21.19 -3.46 -0.50
CA TRP A 266 21.43 -4.36 0.60
C TRP A 266 21.88 -3.57 1.81
N ALA A 267 22.82 -2.67 1.58
CA ALA A 267 23.40 -1.84 2.64
C ALA A 267 22.47 -0.74 3.13
N SER A 268 21.43 -0.48 2.37
CA SER A 268 20.51 0.57 2.71
C SER A 268 19.79 0.38 4.06
N GLN A 269 19.41 -0.84 4.38
CA GLN A 269 18.73 -1.05 5.66
C GLN A 269 19.73 -1.18 6.80
N ILE A 270 21.01 -1.25 6.44
CA ILE A 270 22.05 -1.36 7.44
C ILE A 270 22.64 0.00 7.78
N TYR A 271 23.03 0.73 6.71
CA TYR A 271 23.63 2.05 6.84
C TYR A 271 22.60 3.16 6.65
N PRO A 272 22.77 4.28 7.36
CA PRO A 272 21.83 5.41 7.24
C PRO A 272 22.18 6.32 6.05
N GLY A 273 21.21 6.58 5.19
CA GLY A 273 21.42 7.44 4.04
C GLY A 273 22.12 6.74 2.89
N ILE A 274 21.46 6.63 1.74
CA ILE A 274 22.07 5.99 0.59
C ILE A 274 21.81 6.74 -0.72
N LYS A 275 21.38 6.07 -1.78
CA LYS A 275 21.17 6.79 -3.03
C LYS A 275 20.38 6.05 -4.12
N VAL A 276 19.80 6.82 -5.04
CA VAL A 276 19.01 6.27 -6.14
C VAL A 276 19.12 7.08 -7.43
N ARG A 277 20.09 7.99 -7.49
CA ARG A 277 20.32 8.81 -8.68
C ARG A 277 20.92 7.95 -9.80
N GLN A 278 21.75 6.97 -9.43
CA GLN A 278 22.36 6.09 -10.42
C GLN A 278 21.31 5.17 -11.04
N LEU A 279 20.17 5.06 -10.39
CA LEU A 279 19.10 4.22 -10.93
C LEU A 279 18.60 4.81 -12.24
N SER A 280 18.46 6.13 -12.29
CA SER A 280 17.98 6.82 -13.49
C SER A 280 18.73 6.33 -14.73
N LYS A 281 20.03 6.12 -14.56
CA LYS A 281 20.90 5.66 -15.63
C LYS A 281 20.59 4.20 -15.91
N LEU A 282 20.31 3.44 -14.86
CA LEU A 282 20.01 2.02 -14.99
C LEU A 282 18.69 1.75 -15.71
N LEU A 283 17.69 2.58 -15.48
CA LEU A 283 16.40 2.39 -16.13
C LEU A 283 16.58 2.62 -17.62
N ARG A 284 17.46 3.54 -17.98
CA ARG A 284 17.75 3.84 -19.37
C ARG A 284 18.92 2.97 -19.85
N GLY A 285 19.77 2.58 -18.90
CA GLY A 285 20.95 1.74 -19.18
C GLY A 285 20.49 0.32 -19.47
N THR A 286 19.83 -0.30 -18.49
CA THR A 286 19.30 -1.65 -18.64
C THR A 286 17.99 -1.57 -19.44
N LYS A 287 17.57 -0.35 -19.77
CA LYS A 287 16.36 -0.13 -20.56
C LYS A 287 16.70 -0.80 -21.88
N ALA A 288 17.86 -0.41 -22.41
CA ALA A 288 18.37 -0.97 -23.66
C ALA A 288 18.82 -2.40 -23.35
N LEU A 289 18.95 -2.68 -22.05
CA LEU A 289 19.35 -4.00 -21.56
C LEU A 289 20.81 -4.32 -21.87
N THR A 290 21.36 -3.61 -22.85
CA THR A 290 22.74 -3.82 -23.26
C THR A 290 23.72 -3.70 -22.11
N GLU A 291 24.65 -4.64 -22.01
CA GLU A 291 25.67 -4.60 -20.97
C GLU A 291 26.87 -3.83 -21.56
N VAL A 292 26.62 -2.58 -21.93
CA VAL A 292 27.62 -1.70 -22.51
C VAL A 292 28.26 -0.78 -21.46
N ILE A 293 28.58 0.45 -21.83
CA ILE A 293 29.21 1.40 -20.93
C ILE A 293 28.43 2.72 -20.76
N PRO A 294 27.73 2.88 -19.62
CA PRO A 294 26.96 4.11 -19.35
C PRO A 294 27.84 5.20 -18.75
N LEU A 295 27.82 6.38 -19.34
CA LEU A 295 28.62 7.49 -18.83
C LEU A 295 27.98 7.94 -17.52
N THR A 296 28.70 7.80 -16.41
CA THR A 296 28.16 8.21 -15.11
C THR A 296 28.28 9.70 -14.85
N GLU A 297 27.17 10.34 -14.53
CA GLU A 297 27.20 11.77 -14.21
C GLU A 297 26.19 12.17 -13.14
N GLU A 298 26.70 12.78 -12.07
CA GLU A 298 25.93 13.24 -10.92
C GLU A 298 25.72 12.07 -9.98
N ALA A 299 25.58 10.89 -10.58
CA ALA A 299 25.44 9.67 -9.81
C ALA A 299 26.81 9.61 -9.15
N GLU A 300 27.70 10.46 -9.68
CA GLU A 300 29.06 10.58 -9.20
C GLU A 300 29.06 11.15 -7.78
N LEU A 301 28.18 12.12 -7.53
CA LEU A 301 28.08 12.75 -6.22
C LEU A 301 27.53 11.80 -5.15
N GLU A 302 26.48 11.07 -5.48
CA GLU A 302 25.91 10.12 -4.53
C GLU A 302 26.88 8.97 -4.28
N LEU A 303 27.58 8.55 -5.32
CA LEU A 303 28.55 7.45 -5.23
C LEU A 303 29.66 7.86 -4.27
N ALA A 304 30.14 9.07 -4.45
CA ALA A 304 31.20 9.59 -3.58
C ALA A 304 30.61 9.79 -2.17
N GLU A 305 29.30 9.97 -2.10
CA GLU A 305 28.62 10.17 -0.83
C GLU A 305 28.34 8.83 -0.12
N ASN A 306 27.97 7.81 -0.88
CA ASN A 306 27.72 6.49 -0.33
C ASN A 306 29.05 5.96 0.18
N ARG A 307 30.08 6.09 -0.65
CA ARG A 307 31.44 5.64 -0.34
C ARG A 307 31.89 6.09 1.05
N GLU A 308 31.61 7.35 1.38
CA GLU A 308 31.97 7.93 2.68
C GLU A 308 31.23 7.25 3.85
N ILE A 309 29.93 7.07 3.69
CA ILE A 309 29.13 6.44 4.74
C ILE A 309 29.58 4.98 4.96
N LEU A 310 29.85 4.27 3.88
CA LEU A 310 30.27 2.88 3.95
C LEU A 310 31.67 2.65 4.50
N LYS A 311 32.36 3.75 4.79
CA LYS A 311 33.73 3.67 5.31
C LYS A 311 33.73 3.21 6.77
N GLU A 312 32.57 3.27 7.41
CA GLU A 312 32.44 2.90 8.80
C GLU A 312 31.76 1.56 9.01
N PRO A 313 32.06 0.88 10.13
CA PRO A 313 31.47 -0.42 10.47
C PRO A 313 30.12 -0.18 11.17
N VAL A 314 29.22 -1.14 11.08
CA VAL A 314 27.95 -0.97 11.77
C VAL A 314 27.83 -2.06 12.82
N HIS A 315 27.52 -1.64 14.04
CA HIS A 315 27.37 -2.56 15.15
C HIS A 315 25.96 -2.49 15.70
N GLY A 316 25.47 -3.62 16.22
CA GLY A 316 24.14 -3.64 16.80
C GLY A 316 23.89 -4.90 17.62
N VAL A 317 22.82 -4.88 18.41
CA VAL A 317 22.46 -6.04 19.24
C VAL A 317 21.30 -6.83 18.62
N TYR A 318 21.00 -7.97 19.22
CA TYR A 318 19.92 -8.80 18.76
C TYR A 318 18.64 -8.39 19.47
N TYR A 319 17.53 -8.93 18.98
CA TYR A 319 16.22 -8.64 19.51
C TYR A 319 15.80 -9.57 20.66
N ASP A 320 15.31 -8.96 21.74
CA ASP A 320 14.85 -9.68 22.91
C ASP A 320 13.33 -9.54 22.89
N PRO A 321 12.63 -10.58 22.44
CA PRO A 321 11.16 -10.52 22.37
C PRO A 321 10.46 -10.30 23.72
N SER A 322 11.20 -10.42 24.82
CA SER A 322 10.58 -10.21 26.12
C SER A 322 10.63 -8.75 26.54
N LYS A 323 11.19 -7.90 25.70
CA LYS A 323 11.26 -6.47 26.01
C LYS A 323 10.60 -5.62 24.93
N ASP A 324 10.27 -4.39 25.30
CA ASP A 324 9.63 -3.46 24.36
C ASP A 324 10.63 -2.90 23.37
N LEU A 325 10.14 -2.52 22.20
CA LEU A 325 10.95 -1.91 21.16
C LEU A 325 10.72 -0.42 21.34
N ILE A 326 11.79 0.36 21.31
CA ILE A 326 11.66 1.79 21.45
C ILE A 326 12.31 2.51 20.25
N ALA A 327 11.63 3.51 19.70
CA ALA A 327 12.16 4.28 18.58
C ALA A 327 12.17 5.75 18.98
N GLU A 328 13.33 6.36 18.86
CA GLU A 328 13.49 7.76 19.21
C GLU A 328 13.92 8.50 17.94
N ILE A 329 13.34 9.68 17.73
CA ILE A 329 13.60 10.46 16.53
C ILE A 329 14.17 11.85 16.85
N GLN A 330 15.03 12.36 15.98
CA GLN A 330 15.59 13.71 16.16
C GLN A 330 15.56 14.47 14.85
N LYS A 331 15.26 15.75 14.93
CA LYS A 331 15.25 16.60 13.74
C LYS A 331 16.68 17.10 13.53
N GLN A 332 17.23 16.88 12.34
CA GLN A 332 18.59 17.31 12.04
C GLN A 332 18.62 18.62 11.24
N GLY A 333 17.56 18.90 10.49
CA GLY A 333 17.52 20.10 9.69
C GLY A 333 17.54 19.75 8.22
N GLN A 334 17.20 20.70 7.36
CA GLN A 334 17.18 20.48 5.91
C GLN A 334 16.27 19.31 5.53
N GLY A 335 15.23 19.08 6.31
CA GLY A 335 14.31 18.01 6.01
C GLY A 335 14.89 16.63 6.26
N GLN A 336 15.93 16.56 7.08
CA GLN A 336 16.56 15.29 7.43
C GLN A 336 16.20 14.93 8.86
N TRP A 337 16.05 13.64 9.11
CA TRP A 337 15.74 13.19 10.46
C TRP A 337 16.53 11.91 10.81
N THR A 338 16.85 11.75 12.09
CA THR A 338 17.58 10.56 12.52
C THR A 338 16.72 9.82 13.54
N TYR A 339 16.95 8.52 13.63
CA TYR A 339 16.21 7.70 14.59
C TYR A 339 17.04 6.49 15.05
N GLN A 340 16.73 6.00 16.25
CA GLN A 340 17.39 4.84 16.81
C GLN A 340 16.30 3.96 17.40
N ILE A 341 16.40 2.67 17.15
CA ILE A 341 15.44 1.74 17.68
C ILE A 341 16.28 0.85 18.60
N TYR A 342 15.81 0.66 19.83
CA TYR A 342 16.51 -0.12 20.83
C TYR A 342 15.53 -0.66 21.85
N GLN A 343 16.05 -1.43 22.79
CA GLN A 343 15.24 -2.03 23.84
C GLN A 343 15.83 -1.60 25.18
N GLU A 344 17.16 -1.63 25.26
CA GLU A 344 17.93 -1.20 26.42
C GLU A 344 18.64 0.06 25.94
N PRO A 345 18.71 1.09 26.80
CA PRO A 345 19.39 2.32 26.40
C PRO A 345 20.82 2.11 25.90
N PHE A 346 21.15 2.85 24.85
CA PHE A 346 22.48 2.81 24.26
C PHE A 346 22.86 1.51 23.58
N LYS A 347 21.90 0.60 23.43
CA LYS A 347 22.15 -0.68 22.75
C LYS A 347 21.19 -0.74 21.57
N ASN A 348 21.56 -0.05 20.52
CA ASN A 348 20.69 0.02 19.36
C ASN A 348 20.63 -1.23 18.51
N LEU A 349 19.43 -1.51 18.02
CA LEU A 349 19.15 -2.63 17.15
C LEU A 349 19.32 -2.08 15.74
N LYS A 350 18.82 -0.86 15.55
CA LYS A 350 18.85 -0.24 14.23
C LYS A 350 18.82 1.29 14.35
N THR A 351 19.66 1.93 13.56
CA THR A 351 19.73 3.39 13.56
C THR A 351 19.68 3.78 12.08
N GLY A 352 19.11 4.94 11.79
CA GLY A 352 19.01 5.38 10.41
C GLY A 352 18.63 6.83 10.24
N LYS A 353 18.21 7.18 9.03
CA LYS A 353 17.84 8.53 8.68
C LYS A 353 16.61 8.50 7.78
N TYR A 354 15.91 9.63 7.72
CA TYR A 354 14.73 9.76 6.89
C TYR A 354 14.81 11.13 6.24
N ALA A 355 14.71 11.16 4.91
CA ALA A 355 14.73 12.43 4.19
C ALA A 355 13.29 12.74 3.84
N ARG A 356 12.89 14.01 3.95
CA ARG A 356 11.51 14.40 3.64
C ARG A 356 11.15 14.08 2.21
N MET A 357 9.86 13.85 1.97
CA MET A 357 9.36 13.55 0.64
C MET A 357 9.39 14.84 -0.17
N ARG A 358 9.59 14.73 -1.48
CA ARG A 358 9.63 15.93 -2.32
C ARG A 358 8.25 16.60 -2.36
N GLY A 359 8.24 17.93 -2.23
CA GLY A 359 6.99 18.66 -2.25
C GLY A 359 7.21 20.16 -2.30
N ALA A 360 6.20 20.89 -2.76
CA ALA A 360 6.31 22.35 -2.85
C ALA A 360 6.29 22.99 -1.47
N HIS A 361 5.29 22.63 -0.68
CA HIS A 361 5.17 23.18 0.67
C HIS A 361 5.20 22.06 1.68
N THR A 362 5.92 22.28 2.76
CA THR A 362 6.01 21.24 3.78
C THR A 362 5.89 21.81 5.19
N ASN A 363 5.87 20.92 6.17
CA ASN A 363 5.70 21.32 7.55
C ASN A 363 6.43 20.27 8.43
N ASP A 364 7.12 20.72 9.47
CA ASP A 364 7.85 19.80 10.34
C ASP A 364 7.00 18.69 10.95
N VAL A 365 5.75 18.98 11.28
CA VAL A 365 4.87 17.98 11.87
C VAL A 365 4.52 16.92 10.85
N LYS A 366 4.26 17.35 9.61
CA LYS A 366 3.96 16.41 8.56
C LYS A 366 5.13 15.45 8.34
N GLN A 367 6.34 15.99 8.38
CA GLN A 367 7.53 15.18 8.20
C GLN A 367 7.74 14.18 9.35
N LEU A 368 7.57 14.63 10.58
CA LEU A 368 7.73 13.76 11.74
C LEU A 368 6.75 12.57 11.63
N THR A 369 5.54 12.88 11.18
CA THR A 369 4.50 11.90 10.99
C THR A 369 4.96 10.88 9.95
N GLU A 370 5.48 11.37 8.83
CA GLU A 370 5.98 10.47 7.78
C GLU A 370 7.05 9.56 8.34
N ALA A 371 8.00 10.14 9.08
CA ALA A 371 9.09 9.34 9.65
C ALA A 371 8.53 8.25 10.58
N VAL A 372 7.49 8.59 11.34
CA VAL A 372 6.89 7.61 12.24
C VAL A 372 6.31 6.45 11.45
N GLN A 373 5.59 6.75 10.38
CA GLN A 373 5.00 5.71 9.56
C GLN A 373 6.04 4.79 8.96
N LYS A 374 7.08 5.41 8.39
CA LYS A 374 8.18 4.69 7.77
C LYS A 374 8.80 3.74 8.78
N ILE A 375 9.11 4.25 9.96
CA ILE A 375 9.73 3.43 10.99
C ILE A 375 8.78 2.33 11.48
N THR A 376 7.48 2.63 11.48
CA THR A 376 6.49 1.65 11.89
C THR A 376 6.49 0.46 10.95
N THR A 377 6.39 0.73 9.66
CA THR A 377 6.39 -0.32 8.64
C THR A 377 7.65 -1.17 8.65
N GLU A 378 8.80 -0.52 8.79
CA GLU A 378 10.08 -1.24 8.86
C GLU A 378 10.18 -2.13 10.08
N SER A 379 9.68 -1.64 11.21
CA SER A 379 9.71 -2.42 12.44
C SER A 379 8.79 -3.64 12.33
N ILE A 380 7.63 -3.46 11.72
CA ILE A 380 6.71 -4.57 11.55
C ILE A 380 7.35 -5.66 10.67
N VAL A 381 8.08 -5.23 9.64
CA VAL A 381 8.75 -6.17 8.78
C VAL A 381 9.80 -7.01 9.55
N ILE A 382 10.66 -6.32 10.30
CA ILE A 382 11.73 -6.97 11.03
C ILE A 382 11.37 -7.65 12.34
N TRP A 383 10.46 -7.06 13.11
CA TRP A 383 10.14 -7.62 14.41
C TRP A 383 8.71 -8.04 14.56
N GLY A 384 7.87 -7.66 13.58
CA GLY A 384 6.48 -8.02 13.63
C GLY A 384 5.68 -7.23 14.65
N LYS A 385 6.12 -6.02 14.98
CA LYS A 385 5.37 -5.20 15.92
C LYS A 385 5.82 -3.75 15.81
N THR A 386 4.97 -2.88 16.32
CA THR A 386 5.22 -1.46 16.30
C THR A 386 5.92 -1.03 17.60
N PRO A 387 7.02 -0.26 17.47
CA PRO A 387 7.76 0.21 18.65
C PRO A 387 7.04 1.36 19.33
N LYS A 388 7.44 1.67 20.56
CA LYS A 388 6.90 2.82 21.27
C LYS A 388 7.84 3.96 20.89
N PHE A 389 7.30 5.12 20.56
CA PHE A 389 8.09 6.27 20.12
C PHE A 389 8.40 7.31 21.18
N LYS A 390 9.57 7.92 21.04
CA LYS A 390 10.02 9.00 21.92
C LYS A 390 10.21 10.10 20.91
N LEU A 391 9.31 11.09 20.96
CA LEU A 391 9.31 12.15 19.96
C LEU A 391 9.61 13.55 20.49
N PRO A 392 10.32 14.36 19.69
CA PRO A 392 10.69 15.73 20.06
C PRO A 392 9.56 16.73 19.75
N ILE A 393 8.38 16.45 20.27
CA ILE A 393 7.22 17.29 20.07
C ILE A 393 6.33 17.22 21.29
N GLN A 394 5.90 18.37 21.80
CA GLN A 394 5.07 18.41 22.99
C GLN A 394 3.70 17.78 22.73
N LYS A 395 3.20 17.07 23.74
CA LYS A 395 1.91 16.43 23.67
C LYS A 395 0.85 17.46 23.34
N GLU A 396 1.05 18.70 23.77
CA GLU A 396 0.07 19.75 23.52
C GLU A 396 0.14 20.26 22.09
N THR A 397 1.33 20.30 21.52
CA THR A 397 1.48 20.75 20.14
C THR A 397 0.79 19.73 19.23
N TRP A 398 1.02 18.45 19.50
CA TRP A 398 0.42 17.41 18.67
C TRP A 398 -1.10 17.53 18.70
N GLU A 399 -1.66 17.70 19.90
CA GLU A 399 -3.10 17.83 20.05
C GLU A 399 -3.67 19.00 19.22
N THR A 400 -3.02 20.15 19.32
CA THR A 400 -3.45 21.32 18.57
C THR A 400 -3.43 20.98 17.08
N TRP A 401 -2.36 20.35 16.61
CA TRP A 401 -2.23 19.99 15.20
C TRP A 401 -3.28 19.05 14.60
N TRP A 402 -3.41 17.85 15.17
CA TRP A 402 -4.33 16.90 14.60
C TRP A 402 -5.77 17.27 14.77
N THR A 403 -6.08 18.03 15.81
CA THR A 403 -7.48 18.41 16.00
C THR A 403 -7.91 19.47 15.00
N GLU A 404 -6.99 20.28 14.54
CA GLU A 404 -7.31 21.34 13.59
C GLU A 404 -6.98 21.03 12.12
N TYR A 405 -6.10 20.06 11.89
CA TYR A 405 -5.70 19.72 10.53
C TYR A 405 -6.90 19.20 9.73
N TRP A 406 -7.02 19.64 8.49
CA TRP A 406 -8.15 19.23 7.66
C TRP A 406 -8.11 17.76 7.29
N GLN A 407 -6.94 17.15 7.36
CA GLN A 407 -6.87 15.72 7.06
C GLN A 407 -6.92 14.88 8.33
N ALA A 408 -7.17 13.59 8.16
CA ALA A 408 -7.16 12.66 9.28
C ALA A 408 -5.69 12.27 9.44
N THR A 409 -5.22 12.28 10.67
CA THR A 409 -3.85 11.91 10.92
C THR A 409 -3.71 11.27 12.27
N TRP A 410 -2.70 10.43 12.43
CA TRP A 410 -2.49 9.73 13.67
C TRP A 410 -1.07 9.25 13.84
N ILE A 411 -0.65 9.16 15.09
CA ILE A 411 0.68 8.68 15.50
C ILE A 411 0.43 7.63 16.62
N PRO A 412 1.06 6.44 16.54
CA PRO A 412 0.85 5.41 17.59
C PRO A 412 1.50 5.80 18.93
N GLU A 413 1.26 5.00 19.96
CA GLU A 413 1.80 5.27 21.29
C GLU A 413 3.18 5.92 21.30
N TRP A 414 3.27 7.08 21.93
CA TRP A 414 4.53 7.80 22.00
C TRP A 414 4.61 8.69 23.24
N GLU A 415 5.83 9.13 23.56
CA GLU A 415 6.05 10.03 24.68
C GLU A 415 6.96 11.15 24.22
N PHE A 416 6.81 12.31 24.86
CA PHE A 416 7.64 13.47 24.55
C PHE A 416 9.05 13.29 25.14
N VAL A 417 10.06 13.54 24.31
CA VAL A 417 11.44 13.51 24.73
C VAL A 417 11.99 14.93 24.42
N ASN A 418 12.41 15.66 25.45
CA ASN A 418 12.94 17.02 25.29
C ASN A 418 14.35 17.01 24.69
N THR A 419 14.42 16.96 23.37
CA THR A 419 15.70 16.91 22.68
C THR A 419 15.69 17.89 21.52
N PRO A 420 16.16 19.13 21.74
CA PRO A 420 16.22 20.17 20.71
C PRO A 420 16.93 19.76 19.42
N PRO A 421 16.48 20.30 18.26
CA PRO A 421 15.36 21.23 18.14
C PRO A 421 14.01 20.53 18.20
N LEU A 422 13.09 21.11 18.97
CA LEU A 422 11.76 20.57 19.12
C LEU A 422 10.91 21.01 17.94
N VAL A 423 9.98 20.15 17.54
CA VAL A 423 9.06 20.43 16.45
C VAL A 423 7.89 21.20 17.06
N LYS A 424 7.46 22.27 16.40
CA LYS A 424 6.32 23.04 16.91
C LYS A 424 5.51 23.65 15.77
N LEU A 425 4.40 24.28 16.15
CA LEU A 425 3.54 24.97 15.19
C LEU A 425 4.01 26.45 15.25
N TRP A 426 4.49 26.97 14.14
CA TRP A 426 4.98 28.35 14.10
C TRP A 426 3.92 29.44 14.07
N TYR A 427 2.75 29.11 13.55
CA TYR A 427 1.63 30.07 13.50
C TYR A 427 0.33 29.30 13.54
N GLN A 428 -0.73 29.96 13.95
CA GLN A 428 -2.02 29.33 14.07
C GLN A 428 -3.07 30.35 13.69
N LEU A 429 -3.74 30.12 12.57
CA LEU A 429 -4.79 31.03 12.11
C LEU A 429 -6.00 31.01 13.04
N GLU A 430 -6.78 32.09 13.03
CA GLU A 430 -7.98 32.20 13.87
C GLU A 430 -9.15 31.48 13.26
N LYS A 431 -10.06 31.02 14.11
CA LYS A 431 -11.23 30.29 13.67
C LYS A 431 -12.36 31.29 13.44
N GLU A 432 -12.27 32.44 14.09
CA GLU A 432 -13.29 33.47 13.95
C GLU A 432 -12.65 34.83 13.70
N PRO A 433 -13.43 35.79 13.18
CA PRO A 433 -12.94 37.15 12.90
C PRO A 433 -12.55 37.86 14.19
N ILE A 434 -11.45 38.59 14.14
CA ILE A 434 -10.93 39.33 15.29
C ILE A 434 -11.62 40.65 15.46
N VAL A 435 -12.13 40.88 16.67
CA VAL A 435 -12.83 42.12 16.99
C VAL A 435 -11.82 43.26 17.15
N GLY A 436 -12.12 44.41 16.56
CA GLY A 436 -11.21 45.55 16.69
C GLY A 436 -9.99 45.49 15.80
N ALA A 437 -9.74 44.35 15.16
CA ALA A 437 -8.60 44.22 14.28
C ALA A 437 -8.99 44.74 12.91
N GLU A 438 -8.11 45.53 12.33
CA GLU A 438 -8.33 46.12 11.00
C GLU A 438 -8.54 45.02 9.98
N THR A 439 -9.55 45.22 9.14
CA THR A 439 -9.92 44.29 8.10
C THR A 439 -9.35 44.71 6.73
N PHE A 440 -8.50 43.86 6.16
CA PHE A 440 -7.91 44.11 4.84
C PHE A 440 -8.57 43.29 3.73
N TYR A 441 -9.17 43.99 2.76
CA TYR A 441 -9.78 43.37 1.62
C TYR A 441 -8.68 43.41 0.53
N VAL A 442 -8.09 42.26 0.22
CA VAL A 442 -7.02 42.21 -0.77
C VAL A 442 -7.41 41.67 -2.12
N ASP A 443 -6.72 42.13 -3.16
CA ASP A 443 -7.00 41.64 -4.51
C ASP A 443 -5.78 41.79 -5.42
N GLY A 444 -5.70 40.92 -6.42
CA GLY A 444 -4.59 40.98 -7.34
C GLY A 444 -5.02 40.56 -8.72
N ALA A 445 -4.29 41.03 -9.74
CA ALA A 445 -4.59 40.67 -11.11
C ALA A 445 -3.39 40.91 -12.01
N ALA A 446 -3.26 40.10 -13.03
CA ALA A 446 -2.16 40.24 -13.95
C ALA A 446 -2.65 40.11 -15.38
N ASN A 447 -1.87 40.63 -16.32
CA ASN A 447 -2.19 40.57 -17.74
C ASN A 447 -1.38 39.42 -18.33
N ARG A 448 -2.07 38.37 -18.75
CA ARG A 448 -1.43 37.19 -19.32
C ARG A 448 -0.33 37.49 -20.33
N GLU A 449 -0.65 38.34 -21.31
CA GLU A 449 0.30 38.71 -22.36
C GLU A 449 1.45 39.58 -21.87
N THR A 450 1.12 40.75 -21.32
CA THR A 450 2.14 41.67 -20.82
C THR A 450 2.87 41.15 -19.58
N LYS A 451 2.27 40.16 -18.91
CA LYS A 451 2.85 39.58 -17.70
C LYS A 451 2.98 40.65 -16.62
N LEU A 452 2.22 41.73 -16.75
CA LEU A 452 2.25 42.82 -15.79
C LEU A 452 1.02 42.74 -14.91
N GLY A 453 1.17 43.07 -13.64
CA GLY A 453 0.04 43.00 -12.76
C GLY A 453 0.05 43.96 -11.59
N LYS A 454 -1.03 43.91 -10.82
CA LYS A 454 -1.20 44.75 -9.65
C LYS A 454 -1.70 43.93 -8.46
N ALA A 455 -1.31 44.37 -7.26
CA ALA A 455 -1.73 43.75 -6.02
C ALA A 455 -1.97 44.89 -5.06
N GLY A 456 -3.13 44.88 -4.39
CA GLY A 456 -3.43 45.92 -3.44
C GLY A 456 -4.42 45.51 -2.36
N TYR A 457 -4.76 46.47 -1.51
CA TYR A 457 -5.72 46.26 -0.42
C TYR A 457 -6.43 47.53 -0.07
N VAL A 458 -7.59 47.37 0.56
CA VAL A 458 -8.41 48.47 1.06
C VAL A 458 -8.87 47.98 2.44
N THR A 459 -8.86 48.85 3.44
CA THR A 459 -9.30 48.42 4.77
C THR A 459 -10.44 49.25 5.29
N ASN A 460 -11.05 48.77 6.37
CA ASN A 460 -12.20 49.44 6.97
C ASN A 460 -11.77 50.73 7.63
N LYS A 461 -10.48 50.88 7.90
CA LYS A 461 -9.97 52.11 8.52
C LYS A 461 -9.41 53.09 7.48
N GLY A 462 -9.94 53.00 6.26
CA GLY A 462 -9.49 53.88 5.21
C GLY A 462 -8.09 53.67 4.66
N ARG A 463 -7.34 52.69 5.16
CA ARG A 463 -5.98 52.46 4.65
C ARG A 463 -6.06 51.82 3.25
N GLN A 464 -5.18 52.24 2.34
CA GLN A 464 -5.19 51.69 0.99
C GLN A 464 -3.86 51.74 0.25
N LYS A 465 -3.63 50.76 -0.60
CA LYS A 465 -2.38 50.70 -1.35
C LYS A 465 -2.50 49.80 -2.57
N VAL A 466 -1.79 50.20 -3.62
CA VAL A 466 -1.66 49.42 -4.84
C VAL A 466 -0.19 49.41 -5.25
N VAL A 467 0.34 48.24 -5.57
CA VAL A 467 1.72 48.15 -6.02
C VAL A 467 1.82 47.44 -7.37
N PRO A 468 2.55 48.05 -8.31
CA PRO A 468 2.79 47.37 -9.60
C PRO A 468 3.83 46.28 -9.59
N LEU A 469 3.52 45.32 -10.41
CA LEU A 469 4.34 44.12 -10.51
C LEU A 469 4.63 43.77 -11.96
N THR A 470 5.78 43.13 -12.21
CA THR A 470 6.13 42.74 -13.56
C THR A 470 6.53 41.26 -13.60
N ASN A 471 6.24 40.62 -14.73
CA ASN A 471 6.56 39.22 -14.94
C ASN A 471 5.88 38.39 -13.85
N THR A 472 4.56 38.52 -13.76
CA THR A 472 3.78 37.78 -12.77
C THR A 472 2.52 37.20 -13.39
N THR A 473 1.83 36.38 -12.61
CA THR A 473 0.61 35.75 -13.08
C THR A 473 -0.51 36.08 -12.10
N ASN A 474 -1.71 35.57 -12.36
CA ASN A 474 -2.82 35.81 -11.46
C ASN A 474 -2.53 35.24 -10.08
N GLN A 475 -2.03 34.01 -10.05
CA GLN A 475 -1.73 33.38 -8.78
C GLN A 475 -0.63 34.11 -8.02
N LYS A 476 0.34 34.63 -8.75
CA LYS A 476 1.45 35.37 -8.14
C LYS A 476 0.91 36.62 -7.46
N THR A 477 0.09 37.37 -8.18
CA THR A 477 -0.48 38.61 -7.68
C THR A 477 -1.46 38.40 -6.53
N GLU A 478 -2.14 37.25 -6.53
CA GLU A 478 -3.08 36.93 -5.47
C GLU A 478 -2.29 36.79 -4.15
N LEU A 479 -1.13 36.17 -4.23
CA LEU A 479 -0.29 35.97 -3.06
C LEU A 479 0.44 37.26 -2.65
N GLN A 480 0.80 38.09 -3.63
CA GLN A 480 1.47 39.35 -3.32
C GLN A 480 0.51 40.24 -2.51
N ALA A 481 -0.75 40.24 -2.90
CA ALA A 481 -1.77 41.03 -2.22
C ALA A 481 -1.84 40.67 -0.72
N ILE A 482 -1.92 39.38 -0.43
CA ILE A 482 -1.97 38.89 0.95
C ILE A 482 -0.70 39.31 1.68
N TYR A 483 0.43 39.15 1.00
CA TYR A 483 1.71 39.54 1.59
C TYR A 483 1.74 41.03 1.95
N LEU A 484 1.15 41.86 1.09
CA LEU A 484 1.11 43.32 1.31
C LEU A 484 0.29 43.65 2.54
N ALA A 485 -0.84 42.98 2.68
CA ALA A 485 -1.73 43.21 3.80
C ALA A 485 -1.01 42.84 5.10
N LEU A 486 -0.24 41.77 5.06
CA LEU A 486 0.49 41.32 6.25
C LEU A 486 1.58 42.31 6.62
N GLN A 487 2.25 42.82 5.60
CA GLN A 487 3.33 43.81 5.81
C GLN A 487 2.88 45.13 6.39
N ASP A 488 1.73 45.63 5.97
CA ASP A 488 1.25 46.92 6.44
C ASP A 488 0.21 46.92 7.54
N SER A 489 -0.02 45.77 8.17
CA SER A 489 -1.02 45.69 9.24
C SER A 489 -0.39 45.50 10.60
N GLY A 490 -1.18 45.67 11.65
CA GLY A 490 -0.67 45.45 13.00
C GLY A 490 -0.50 43.97 13.38
N LEU A 491 -0.41 43.71 14.68
CA LEU A 491 -0.22 42.35 15.15
C LEU A 491 -1.45 41.48 14.99
N GLU A 492 -2.61 42.10 14.88
CA GLU A 492 -3.87 41.38 14.68
C GLU A 492 -4.46 41.92 13.38
N VAL A 493 -4.98 41.03 12.55
CA VAL A 493 -5.54 41.46 11.29
C VAL A 493 -6.48 40.44 10.65
N ASN A 494 -7.55 40.96 10.05
CA ASN A 494 -8.52 40.12 9.33
C ASN A 494 -8.21 40.38 7.85
N ILE A 495 -8.05 39.31 7.08
CA ILE A 495 -7.73 39.39 5.66
C ILE A 495 -8.80 38.67 4.84
N VAL A 496 -9.43 39.41 3.94
CA VAL A 496 -10.46 38.85 3.09
C VAL A 496 -9.90 38.71 1.68
N THR A 497 -9.94 37.50 1.14
CA THR A 497 -9.43 37.27 -0.22
C THR A 497 -10.41 36.44 -1.03
N ASP A 498 -10.33 36.53 -2.35
CA ASP A 498 -11.19 35.71 -3.19
C ASP A 498 -10.34 34.65 -3.85
N SER A 499 -9.08 34.58 -3.47
CA SER A 499 -8.15 33.60 -4.06
C SER A 499 -8.27 32.20 -3.45
N GLN A 500 -8.87 31.27 -4.19
CA GLN A 500 -9.00 29.89 -3.71
C GLN A 500 -7.61 29.28 -3.70
N TYR A 501 -6.79 29.73 -4.63
CA TYR A 501 -5.42 29.25 -4.74
C TYR A 501 -4.64 29.54 -3.46
N ALA A 502 -4.65 30.79 -3.02
CA ALA A 502 -3.94 31.17 -1.80
C ALA A 502 -4.49 30.44 -0.57
N LEU A 503 -5.82 30.38 -0.46
CA LEU A 503 -6.46 29.73 0.65
C LEU A 503 -6.03 28.27 0.70
N GLY A 504 -5.84 27.68 -0.47
CA GLY A 504 -5.42 26.28 -0.53
C GLY A 504 -4.01 26.05 -0.02
N ILE A 505 -3.12 27.02 -0.21
CA ILE A 505 -1.75 26.87 0.28
C ILE A 505 -1.74 27.03 1.80
N ILE A 506 -2.34 28.12 2.26
CA ILE A 506 -2.38 28.42 3.68
C ILE A 506 -3.14 27.36 4.49
N GLN A 507 -4.26 26.85 3.97
CA GLN A 507 -5.01 25.81 4.69
C GLN A 507 -4.13 24.54 4.87
N ALA A 508 -3.09 24.39 4.06
CA ALA A 508 -2.17 23.26 4.17
C ALA A 508 -1.17 23.47 5.34
N GLN A 509 -1.21 24.66 5.94
CA GLN A 509 -0.36 25.01 7.08
C GLN A 509 1.15 24.76 6.85
N PRO A 510 1.72 25.33 5.79
CA PRO A 510 3.16 25.12 5.56
C PRO A 510 4.00 26.00 6.47
N ASP A 511 5.16 25.51 6.92
CA ASP A 511 6.05 26.30 7.75
C ASP A 511 7.31 26.53 6.94
N LYS A 512 7.26 26.09 5.69
CA LYS A 512 8.40 26.22 4.80
C LYS A 512 7.95 25.90 3.39
N SER A 513 8.50 26.63 2.42
CA SER A 513 8.15 26.43 1.03
C SER A 513 9.33 26.62 0.09
N GLU A 514 9.15 26.25 -1.16
CA GLU A 514 10.19 26.42 -2.16
C GLU A 514 9.93 27.74 -2.84
N SER A 515 8.67 28.17 -2.83
CA SER A 515 8.28 29.44 -3.41
C SER A 515 8.67 30.59 -2.49
N GLU A 516 9.48 31.50 -3.02
CA GLU A 516 9.96 32.66 -2.29
C GLU A 516 8.82 33.46 -1.65
N LEU A 517 7.80 33.77 -2.45
CA LEU A 517 6.65 34.53 -1.97
C LEU A 517 5.93 33.85 -0.79
N VAL A 518 5.69 32.55 -0.91
CA VAL A 518 5.03 31.81 0.16
C VAL A 518 5.88 31.85 1.43
N ASN A 519 7.18 31.73 1.27
CA ASN A 519 8.06 31.77 2.44
C ASN A 519 7.99 33.11 3.13
N GLN A 520 7.86 34.16 2.32
CA GLN A 520 7.75 35.53 2.84
C GLN A 520 6.44 35.65 3.62
N ILE A 521 5.37 35.08 3.07
CA ILE A 521 4.09 35.13 3.76
C ILE A 521 4.22 34.39 5.09
N ILE A 522 4.88 33.22 5.04
CA ILE A 522 5.08 32.41 6.23
C ILE A 522 5.83 33.18 7.31
N GLU A 523 6.91 33.86 6.93
CA GLU A 523 7.67 34.65 7.91
C GLU A 523 6.79 35.73 8.52
N GLN A 524 5.92 36.33 7.73
CA GLN A 524 5.04 37.36 8.25
C GLN A 524 4.03 36.78 9.27
N LEU A 525 3.37 35.67 8.90
CA LEU A 525 2.40 35.04 9.77
C LEU A 525 3.03 34.65 11.11
N ILE A 526 4.29 34.23 11.05
CA ILE A 526 5.01 33.86 12.26
C ILE A 526 5.10 35.03 13.24
N LYS A 527 5.22 36.24 12.71
CA LYS A 527 5.32 37.43 13.56
C LYS A 527 3.98 37.97 14.05
N LYS A 528 2.89 37.63 13.38
CA LYS A 528 1.60 38.14 13.84
C LYS A 528 1.14 37.46 15.13
N GLU A 529 0.22 38.11 15.84
CA GLU A 529 -0.34 37.56 17.07
C GLU A 529 -1.62 36.79 16.70
N LYS A 530 -2.42 37.39 15.82
CA LYS A 530 -3.67 36.80 15.36
C LYS A 530 -3.98 37.13 13.91
N VAL A 531 -4.33 36.12 13.14
CA VAL A 531 -4.71 36.28 11.77
C VAL A 531 -5.93 35.43 11.44
N TYR A 532 -6.93 36.08 10.86
CA TYR A 532 -8.14 35.41 10.41
C TYR A 532 -8.18 35.65 8.91
N LEU A 533 -8.21 34.55 8.17
CA LEU A 533 -8.23 34.58 6.70
C LEU A 533 -9.62 34.20 6.22
N ALA A 534 -10.31 35.12 5.57
CA ALA A 534 -11.66 34.87 5.08
C ALA A 534 -11.71 34.81 3.56
N TRP A 535 -12.56 33.94 3.03
CA TRP A 535 -12.70 33.80 1.59
C TRP A 535 -14.08 34.24 1.09
N VAL A 536 -14.11 34.82 -0.11
CA VAL A 536 -15.37 35.23 -0.71
C VAL A 536 -15.28 34.95 -2.20
N PRO A 537 -16.43 34.67 -2.85
CA PRO A 537 -16.38 34.40 -4.28
C PRO A 537 -16.03 35.71 -5.01
N ALA A 538 -15.19 35.62 -6.03
CA ALA A 538 -14.79 36.79 -6.81
C ALA A 538 -15.86 37.19 -7.84
N HIS A 539 -15.69 38.36 -8.45
CA HIS A 539 -16.62 38.85 -9.49
C HIS A 539 -18.04 39.09 -8.99
N LYS A 540 -18.17 39.73 -7.83
CA LYS A 540 -19.48 40.02 -7.26
C LYS A 540 -19.48 41.28 -6.39
N GLY A 541 -20.57 41.49 -5.65
CA GLY A 541 -20.68 42.66 -4.80
C GLY A 541 -19.96 42.52 -3.46
N ILE A 542 -18.69 42.12 -3.50
CA ILE A 542 -17.91 41.97 -2.27
C ILE A 542 -16.62 42.81 -2.35
N GLY A 543 -15.99 43.03 -1.20
CA GLY A 543 -14.76 43.80 -1.16
C GLY A 543 -14.94 45.29 -1.35
N GLY A 544 -15.48 45.68 -2.50
CA GLY A 544 -15.70 47.09 -2.79
C GLY A 544 -14.76 47.63 -3.85
N ASN A 545 -13.48 47.74 -3.51
CA ASN A 545 -12.47 48.23 -4.44
C ASN A 545 -11.55 47.15 -5.00
N GLU A 546 -12.01 46.48 -6.06
CA GLU A 546 -11.20 45.45 -6.72
C GLU A 546 -10.95 46.02 -8.11
N GLN A 547 -11.46 47.23 -8.31
CA GLN A 547 -11.30 47.94 -9.56
C GLN A 547 -9.96 48.65 -9.55
N VAL A 548 -9.42 48.85 -8.34
CA VAL A 548 -8.13 49.54 -8.20
C VAL A 548 -6.94 48.69 -8.67
N ASP A 549 -7.08 47.36 -8.60
CA ASP A 549 -6.01 46.47 -9.04
C ASP A 549 -6.34 45.86 -10.39
N PRO B 1 -24.92 -40.82 -3.82
CA PRO B 1 -23.52 -40.37 -3.96
C PRO B 1 -22.97 -40.67 -5.36
N ILE B 2 -21.65 -40.82 -5.44
CA ILE B 2 -20.98 -41.13 -6.71
C ILE B 2 -21.03 -39.98 -7.72
N SER B 3 -21.40 -38.79 -7.25
CA SER B 3 -21.48 -37.61 -8.13
C SER B 3 -21.02 -36.34 -7.41
N PRO B 4 -19.85 -35.80 -7.79
CA PRO B 4 -19.27 -34.58 -7.21
C PRO B 4 -20.04 -33.31 -7.56
N ILE B 5 -19.70 -32.21 -6.90
CA ILE B 5 -20.35 -30.94 -7.16
C ILE B 5 -19.64 -30.32 -8.35
N GLU B 6 -19.84 -30.90 -9.53
CA GLU B 6 -19.19 -30.41 -10.74
C GLU B 6 -18.95 -28.89 -10.72
N THR B 7 -17.71 -28.50 -10.99
CA THR B 7 -17.33 -27.09 -10.98
C THR B 7 -17.95 -26.28 -12.10
N VAL B 8 -17.93 -24.97 -11.91
CA VAL B 8 -18.44 -24.05 -12.89
C VAL B 8 -17.23 -23.44 -13.60
N PRO B 9 -17.20 -23.52 -14.94
CA PRO B 9 -16.06 -22.96 -15.66
C PRO B 9 -16.03 -21.45 -15.44
N VAL B 10 -14.89 -20.94 -15.02
CA VAL B 10 -14.75 -19.53 -14.76
C VAL B 10 -13.51 -19.05 -15.48
N LYS B 11 -13.53 -17.83 -15.98
CA LYS B 11 -12.37 -17.33 -16.69
C LYS B 11 -12.12 -15.85 -16.43
N LEU B 12 -10.90 -15.40 -16.68
CA LEU B 12 -10.58 -14.00 -16.51
C LEU B 12 -11.13 -13.25 -17.74
N LYS B 13 -11.19 -11.94 -17.65
CA LYS B 13 -11.67 -11.12 -18.75
C LYS B 13 -10.63 -11.16 -19.87
N PRO B 14 -11.09 -11.12 -21.14
CA PRO B 14 -10.21 -11.17 -22.31
C PRO B 14 -8.99 -10.26 -22.23
N GLY B 15 -7.81 -10.86 -22.45
CA GLY B 15 -6.57 -10.09 -22.43
C GLY B 15 -6.02 -9.72 -21.08
N MET B 16 -6.48 -10.38 -20.02
CA MET B 16 -6.00 -10.07 -18.68
C MET B 16 -5.40 -11.28 -18.01
N ASP B 17 -4.24 -11.10 -17.39
CA ASP B 17 -3.64 -12.21 -16.68
C ASP B 17 -4.06 -12.10 -15.21
N GLY B 18 -3.71 -13.10 -14.41
CA GLY B 18 -4.10 -13.07 -13.00
C GLY B 18 -3.44 -11.98 -12.19
N PRO B 19 -3.89 -11.78 -10.96
CA PRO B 19 -3.33 -10.74 -10.09
C PRO B 19 -1.90 -11.03 -9.60
N LYS B 20 -1.10 -9.99 -9.44
CA LYS B 20 0.25 -10.12 -8.96
C LYS B 20 0.46 -8.95 -7.99
N VAL B 21 -0.27 -9.00 -6.88
CA VAL B 21 -0.21 -7.95 -5.88
C VAL B 21 0.69 -8.36 -4.74
N LYS B 22 1.58 -7.46 -4.37
CA LYS B 22 2.52 -7.71 -3.29
C LYS B 22 1.83 -7.81 -1.93
N GLN B 23 2.30 -8.75 -1.13
CA GLN B 23 1.80 -8.96 0.22
C GLN B 23 2.36 -7.85 1.09
N TRP B 24 1.51 -7.19 1.87
CA TRP B 24 2.03 -6.14 2.72
C TRP B 24 2.47 -6.75 4.08
N PRO B 25 3.36 -6.05 4.81
CA PRO B 25 3.86 -6.53 6.11
C PRO B 25 2.75 -6.81 7.13
N LEU B 26 2.94 -7.87 7.91
CA LEU B 26 1.95 -8.25 8.90
C LEU B 26 2.56 -8.35 10.30
N THR B 27 1.76 -8.04 11.32
CA THR B 27 2.26 -8.16 12.67
C THR B 27 2.41 -9.62 13.00
N GLU B 28 3.25 -9.94 13.97
CA GLU B 28 3.43 -11.33 14.34
C GLU B 28 2.12 -11.96 14.79
N GLU B 29 1.26 -11.16 15.40
CA GLU B 29 -0.03 -11.66 15.86
C GLU B 29 -0.94 -12.07 14.71
N LYS B 30 -0.88 -11.34 13.60
CA LYS B 30 -1.70 -11.67 12.46
C LYS B 30 -1.11 -12.87 11.74
N ILE B 31 0.21 -12.91 11.66
CA ILE B 31 0.87 -14.03 11.00
C ILE B 31 0.55 -15.32 11.77
N LYS B 32 0.65 -15.26 13.10
CA LYS B 32 0.39 -16.42 13.93
C LYS B 32 -1.05 -16.91 13.71
N ALA B 33 -2.00 -15.99 13.71
CA ALA B 33 -3.40 -16.32 13.47
C ALA B 33 -3.60 -16.94 12.08
N LEU B 34 -2.97 -16.34 11.07
CA LEU B 34 -3.13 -16.86 9.71
C LEU B 34 -2.54 -18.28 9.59
N VAL B 35 -1.40 -18.51 10.22
CA VAL B 35 -0.75 -19.82 10.18
C VAL B 35 -1.67 -20.92 10.72
N GLU B 36 -2.32 -20.66 11.84
CA GLU B 36 -3.22 -21.61 12.45
C GLU B 36 -4.49 -21.80 11.64
N ILE B 37 -5.01 -20.72 11.06
CA ILE B 37 -6.22 -20.85 10.26
C ILE B 37 -5.95 -21.62 8.97
N CYS B 38 -4.85 -21.30 8.29
CA CYS B 38 -4.51 -21.96 7.03
C CYS B 38 -4.14 -23.43 7.21
N THR B 39 -3.46 -23.73 8.30
CA THR B 39 -3.09 -25.12 8.60
C THR B 39 -4.37 -25.96 8.71
N GLU B 40 -5.38 -25.39 9.34
CA GLU B 40 -6.66 -26.09 9.51
C GLU B 40 -7.40 -26.17 8.17
N MET B 41 -7.42 -25.09 7.40
CA MET B 41 -8.09 -25.10 6.09
C MET B 41 -7.41 -26.10 5.16
N GLU B 42 -6.08 -26.20 5.25
CA GLU B 42 -5.35 -27.14 4.42
C GLU B 42 -5.74 -28.60 4.75
N LYS B 43 -5.89 -28.89 6.04
CA LYS B 43 -6.30 -30.22 6.47
C LYS B 43 -7.68 -30.55 5.95
N GLU B 44 -8.56 -29.54 5.91
CA GLU B 44 -9.92 -29.72 5.42
C GLU B 44 -9.97 -29.70 3.89
N GLY B 45 -8.81 -29.58 3.26
CA GLY B 45 -8.77 -29.55 1.80
C GLY B 45 -9.33 -28.30 1.13
N LYS B 46 -9.57 -27.24 1.90
CA LYS B 46 -10.10 -25.98 1.31
C LYS B 46 -9.02 -25.24 0.51
N ILE B 47 -7.76 -25.37 0.95
CA ILE B 47 -6.63 -24.77 0.27
C ILE B 47 -5.49 -25.78 0.18
N SER B 48 -4.56 -25.55 -0.75
CA SER B 48 -3.40 -26.44 -0.93
C SER B 48 -2.13 -25.67 -1.23
N LYS B 49 -1.01 -26.17 -0.74
CA LYS B 49 0.28 -25.54 -0.99
C LYS B 49 0.60 -25.58 -2.48
N ILE B 50 1.38 -24.59 -2.95
CA ILE B 50 1.72 -24.52 -4.37
C ILE B 50 3.19 -24.23 -4.57
N GLY B 51 3.69 -24.55 -5.76
CA GLY B 51 5.09 -24.34 -6.05
C GLY B 51 5.35 -22.98 -6.66
N PRO B 52 6.62 -22.67 -7.03
CA PRO B 52 7.03 -21.39 -7.62
C PRO B 52 6.58 -21.20 -9.05
N GLU B 53 6.03 -22.26 -9.64
CA GLU B 53 5.55 -22.14 -11.01
C GLU B 53 4.23 -21.34 -11.05
N ASN B 54 3.73 -20.91 -9.88
CA ASN B 54 2.53 -20.08 -9.81
C ASN B 54 3.04 -18.68 -9.48
N PRO B 55 3.01 -17.75 -10.44
CA PRO B 55 3.50 -16.38 -10.24
C PRO B 55 2.50 -15.40 -9.62
N TYR B 56 1.24 -15.83 -9.51
CA TYR B 56 0.18 -14.99 -8.99
C TYR B 56 0.17 -14.81 -7.47
N ASN B 57 -0.41 -13.70 -7.03
CA ASN B 57 -0.53 -13.42 -5.61
C ASN B 57 -1.57 -12.34 -5.35
N THR B 58 -2.23 -12.48 -4.22
CA THR B 58 -3.25 -11.55 -3.74
C THR B 58 -2.96 -11.45 -2.24
N PRO B 59 -2.93 -10.23 -1.70
CA PRO B 59 -2.66 -9.93 -0.29
C PRO B 59 -3.66 -10.56 0.69
N VAL B 60 -3.21 -10.90 1.89
CA VAL B 60 -4.11 -11.45 2.89
C VAL B 60 -3.75 -10.87 4.23
N PHE B 61 -4.72 -10.73 5.10
CA PHE B 61 -4.46 -10.26 6.45
C PHE B 61 -5.52 -10.92 7.35
N ALA B 62 -5.70 -10.42 8.56
CA ALA B 62 -6.70 -11.03 9.43
C ALA B 62 -7.34 -9.94 10.24
N ILE B 63 -8.63 -10.11 10.50
CA ILE B 63 -9.40 -9.13 11.25
C ILE B 63 -10.04 -9.85 12.43
N LYS B 64 -10.29 -9.09 13.50
CA LYS B 64 -10.91 -9.67 14.67
C LYS B 64 -12.17 -8.88 14.87
N LYS B 65 -13.26 -9.35 14.26
CA LYS B 65 -14.55 -8.69 14.36
C LYS B 65 -14.91 -8.28 15.79
N LYS B 66 -15.87 -7.37 15.90
CA LYS B 66 -16.28 -6.90 17.22
C LYS B 66 -17.12 -7.93 17.96
N ASP B 67 -16.70 -8.24 19.18
CA ASP B 67 -17.40 -9.19 20.05
C ASP B 67 -17.28 -10.66 19.62
N SER B 68 -16.33 -10.95 18.74
CA SER B 68 -16.12 -12.31 18.27
C SER B 68 -14.91 -12.94 18.94
N THR B 69 -13.85 -12.16 19.09
CA THR B 69 -12.59 -12.59 19.71
C THR B 69 -11.83 -13.64 18.90
N LYS B 70 -12.39 -14.02 17.75
CA LYS B 70 -11.75 -15.01 16.89
C LYS B 70 -11.29 -14.34 15.62
N TRP B 71 -10.02 -14.56 15.27
CA TRP B 71 -9.43 -13.98 14.07
C TRP B 71 -10.11 -14.53 12.85
N ARG B 72 -10.36 -13.68 11.87
CA ARG B 72 -10.99 -14.12 10.63
C ARG B 72 -10.03 -13.75 9.50
N LYS B 73 -9.76 -14.73 8.64
CA LYS B 73 -8.89 -14.52 7.51
C LYS B 73 -9.59 -13.62 6.50
N LEU B 74 -8.91 -12.59 6.04
CA LEU B 74 -9.50 -11.72 5.04
C LEU B 74 -8.56 -11.61 3.82
N VAL B 75 -9.02 -12.05 2.66
CA VAL B 75 -8.20 -11.94 1.45
C VAL B 75 -8.66 -10.70 0.66
N ASP B 76 -7.70 -9.87 0.25
CA ASP B 76 -8.00 -8.67 -0.52
C ASP B 76 -8.02 -9.09 -1.99
N PHE B 77 -9.17 -9.57 -2.43
CA PHE B 77 -9.38 -10.00 -3.82
C PHE B 77 -9.83 -8.85 -4.73
N ARG B 78 -9.54 -7.61 -4.36
CA ARG B 78 -9.94 -6.47 -5.18
C ARG B 78 -9.40 -6.56 -6.60
N GLU B 79 -8.14 -6.93 -6.74
CA GLU B 79 -7.53 -7.03 -8.07
C GLU B 79 -8.13 -8.19 -8.85
N LEU B 80 -8.26 -9.36 -8.22
CA LEU B 80 -8.86 -10.50 -8.92
C LEU B 80 -10.33 -10.27 -9.26
N ASN B 81 -11.07 -9.59 -8.38
CA ASN B 81 -12.47 -9.32 -8.71
C ASN B 81 -12.59 -8.45 -9.97
N LYS B 82 -11.66 -7.51 -10.14
CA LYS B 82 -11.72 -6.66 -11.33
C LYS B 82 -11.37 -7.44 -12.59
N ARG B 83 -10.54 -8.46 -12.45
CA ARG B 83 -10.11 -9.25 -13.59
C ARG B 83 -10.96 -10.46 -13.86
N THR B 84 -11.95 -10.67 -13.00
CA THR B 84 -12.83 -11.81 -13.17
C THR B 84 -14.03 -11.44 -14.01
N GLN B 85 -14.28 -12.24 -15.05
CA GLN B 85 -15.42 -11.97 -15.93
C GLN B 85 -16.74 -11.95 -15.17
N ASP B 86 -17.58 -10.97 -15.49
CA ASP B 86 -18.88 -10.87 -14.84
C ASP B 86 -19.61 -12.08 -15.36
N PHE B 87 -20.23 -12.86 -14.48
CA PHE B 87 -20.95 -14.05 -14.91
C PHE B 87 -22.38 -13.75 -15.35
N TRP B 88 -22.68 -12.50 -15.70
CA TRP B 88 -24.04 -12.11 -16.12
C TRP B 88 -25.16 -13.11 -15.78
N GLU B 89 -25.21 -14.20 -16.55
CA GLU B 89 -26.20 -15.26 -16.37
C GLU B 89 -26.33 -15.76 -14.92
N VAL B 90 -25.23 -15.80 -14.18
CA VAL B 90 -25.27 -16.24 -12.78
C VAL B 90 -24.67 -15.19 -11.86
N GLN B 91 -23.56 -14.59 -12.28
CA GLN B 91 -22.92 -13.55 -11.44
C GLN B 91 -23.91 -12.44 -11.29
N LEU B 92 -23.86 -11.49 -12.23
CA LEU B 92 -24.76 -10.35 -12.21
C LEU B 92 -26.15 -10.88 -11.91
N GLY B 93 -26.30 -12.20 -12.05
CA GLY B 93 -27.56 -12.88 -11.80
C GLY B 93 -28.12 -12.48 -10.45
N ILE B 94 -27.32 -11.78 -9.66
CA ILE B 94 -27.81 -11.34 -8.37
C ILE B 94 -28.29 -9.92 -8.51
N PRO B 95 -29.56 -9.76 -8.85
CA PRO B 95 -30.15 -8.43 -9.00
C PRO B 95 -30.33 -7.81 -7.61
N HIS B 96 -30.26 -6.49 -7.54
CA HIS B 96 -30.40 -5.76 -6.29
C HIS B 96 -31.87 -5.41 -6.01
N PRO B 97 -32.37 -5.76 -4.82
CA PRO B 97 -33.75 -5.48 -4.40
C PRO B 97 -33.95 -4.03 -4.00
N ALA B 98 -34.54 -3.25 -4.90
CA ALA B 98 -34.82 -1.85 -4.63
C ALA B 98 -35.66 -1.60 -3.34
N GLY B 99 -36.25 -2.65 -2.79
CA GLY B 99 -37.06 -2.47 -1.59
C GLY B 99 -36.38 -2.70 -0.25
N LEU B 100 -35.11 -3.11 -0.29
CA LEU B 100 -34.35 -3.34 0.93
C LEU B 100 -34.10 -2.03 1.68
N LYS B 101 -33.98 -0.94 0.93
CA LYS B 101 -33.72 0.38 1.51
C LYS B 101 -34.93 0.98 2.20
N LYS B 102 -36.12 0.47 1.89
CA LYS B 102 -37.35 0.97 2.48
C LYS B 102 -37.80 0.16 3.68
N LYS B 103 -37.00 -0.82 4.08
CA LYS B 103 -37.39 -1.65 5.21
C LYS B 103 -37.09 -1.00 6.54
N LYS B 104 -37.88 -1.37 7.54
CA LYS B 104 -37.74 -0.82 8.89
C LYS B 104 -36.38 -1.19 9.47
N SER B 105 -36.08 -2.49 9.51
CA SER B 105 -34.80 -2.95 10.04
C SER B 105 -34.14 -3.96 9.10
N VAL B 106 -32.80 -3.92 9.04
CA VAL B 106 -32.02 -4.83 8.21
C VAL B 106 -30.89 -5.48 9.02
N THR B 107 -30.80 -6.82 8.98
CA THR B 107 -29.75 -7.50 9.70
C THR B 107 -28.76 -8.11 8.72
N VAL B 108 -27.48 -7.99 9.03
CA VAL B 108 -26.41 -8.50 8.18
C VAL B 108 -25.75 -9.71 8.82
N LEU B 109 -25.66 -10.79 8.05
CA LEU B 109 -25.07 -12.04 8.53
C LEU B 109 -23.87 -12.50 7.70
N ASP B 110 -22.82 -12.96 8.36
CA ASP B 110 -21.65 -13.48 7.66
C ASP B 110 -21.96 -14.93 7.26
N VAL B 111 -22.19 -15.14 5.97
CA VAL B 111 -22.55 -16.46 5.48
C VAL B 111 -21.49 -17.06 4.57
N GLY B 112 -20.35 -16.38 4.49
CA GLY B 112 -19.25 -16.85 3.63
C GLY B 112 -18.72 -18.26 3.86
N ASP B 113 -18.94 -18.81 5.05
CA ASP B 113 -18.44 -20.16 5.34
C ASP B 113 -19.11 -21.18 4.41
N ALA B 114 -20.35 -20.89 4.00
CA ALA B 114 -21.07 -21.82 3.13
C ALA B 114 -20.37 -22.06 1.79
N TYR B 115 -19.65 -21.05 1.30
CA TYR B 115 -18.96 -21.14 0.01
C TYR B 115 -17.87 -22.21 -0.03
N PHE B 116 -17.33 -22.55 1.14
CA PHE B 116 -16.27 -23.55 1.19
C PHE B 116 -16.74 -24.96 0.86
N SER B 117 -18.04 -25.14 0.74
CA SER B 117 -18.58 -26.47 0.43
C SER B 117 -18.62 -26.73 -1.07
N VAL B 118 -18.25 -25.72 -1.87
CA VAL B 118 -18.27 -25.87 -3.31
C VAL B 118 -16.90 -25.81 -3.96
N PRO B 119 -16.54 -26.84 -4.74
CA PRO B 119 -15.23 -26.87 -5.40
C PRO B 119 -15.07 -25.74 -6.42
N LEU B 120 -13.83 -25.35 -6.67
CA LEU B 120 -13.57 -24.26 -7.62
C LEU B 120 -12.93 -24.79 -8.91
N ASP B 121 -13.34 -24.23 -10.05
CA ASP B 121 -12.79 -24.63 -11.35
C ASP B 121 -11.29 -24.83 -11.21
N GLU B 122 -10.83 -26.05 -11.50
CA GLU B 122 -9.44 -26.42 -11.39
C GLU B 122 -8.51 -25.48 -12.14
N ASP B 123 -8.93 -25.01 -13.32
CA ASP B 123 -8.09 -24.10 -14.10
C ASP B 123 -8.07 -22.66 -13.58
N PHE B 124 -8.98 -22.35 -12.66
CA PHE B 124 -9.03 -21.01 -12.11
C PHE B 124 -8.25 -20.92 -10.78
N ARG B 125 -8.14 -22.06 -10.08
CA ARG B 125 -7.45 -22.13 -8.79
C ARG B 125 -6.15 -21.34 -8.64
N LYS B 126 -5.31 -21.42 -9.65
CA LYS B 126 -4.03 -20.74 -9.60
C LYS B 126 -4.12 -19.23 -9.41
N TYR B 127 -5.19 -18.62 -9.86
CA TYR B 127 -5.33 -17.18 -9.72
C TYR B 127 -5.68 -16.75 -8.28
N THR B 128 -5.98 -17.70 -7.40
CA THR B 128 -6.34 -17.37 -6.01
C THR B 128 -5.16 -17.53 -5.07
N ALA B 129 -3.95 -17.61 -5.65
CA ALA B 129 -2.72 -17.77 -4.86
C ALA B 129 -2.45 -16.62 -3.86
N PHE B 130 -2.06 -17.00 -2.65
CA PHE B 130 -1.76 -16.01 -1.64
C PHE B 130 -0.57 -16.49 -0.82
N THR B 131 0.01 -15.57 -0.07
CA THR B 131 1.22 -15.87 0.67
C THR B 131 1.16 -15.45 2.11
N ILE B 132 1.55 -16.31 3.04
CA ILE B 132 1.59 -15.90 4.43
C ILE B 132 3.05 -15.59 4.63
N PRO B 133 3.41 -14.30 4.78
CA PRO B 133 4.79 -13.85 4.97
C PRO B 133 5.41 -14.24 6.31
N SER B 134 6.72 -14.18 6.36
CA SER B 134 7.40 -14.50 7.61
C SER B 134 8.06 -13.24 8.13
N ILE B 135 8.22 -13.18 9.45
CA ILE B 135 8.85 -12.02 10.05
C ILE B 135 10.31 -11.93 9.59
N ASN B 136 10.76 -10.71 9.35
CA ASN B 136 12.14 -10.42 8.96
C ASN B 136 12.60 -11.18 7.71
N ASN B 137 11.65 -11.74 6.98
CA ASN B 137 11.99 -12.45 5.74
C ASN B 137 12.92 -13.63 6.00
N GLU B 138 12.89 -14.14 7.22
CA GLU B 138 13.79 -15.21 7.63
C GLU B 138 13.56 -16.53 6.92
N THR B 139 12.32 -16.75 6.46
CA THR B 139 11.97 -17.97 5.74
C THR B 139 11.11 -17.57 4.55
N PRO B 140 11.08 -18.40 3.50
CA PRO B 140 10.24 -18.02 2.36
C PRO B 140 8.77 -18.12 2.75
N GLY B 141 7.94 -17.24 2.21
CA GLY B 141 6.53 -17.26 2.55
C GLY B 141 5.84 -18.56 2.20
N ILE B 142 4.84 -18.91 2.99
CA ILE B 142 4.08 -20.13 2.76
C ILE B 142 3.04 -19.81 1.69
N ARG B 143 3.02 -20.58 0.61
CA ARG B 143 2.09 -20.28 -0.47
C ARG B 143 0.96 -21.28 -0.66
N TYR B 144 -0.24 -20.74 -0.86
CA TYR B 144 -1.42 -21.57 -1.03
C TYR B 144 -2.28 -21.03 -2.16
N GLN B 145 -3.27 -21.83 -2.54
CA GLN B 145 -4.25 -21.45 -3.53
C GLN B 145 -5.50 -22.17 -3.03
N TYR B 146 -6.66 -21.68 -3.43
CA TYR B 146 -7.92 -22.27 -3.04
C TYR B 146 -8.36 -23.40 -3.97
N ASN B 147 -9.16 -24.30 -3.42
CA ASN B 147 -9.73 -25.45 -4.14
C ASN B 147 -11.25 -25.30 -4.12
N VAL B 148 -11.74 -24.38 -3.30
CA VAL B 148 -13.18 -24.13 -3.19
C VAL B 148 -13.43 -22.64 -3.33
N LEU B 149 -14.69 -22.25 -3.43
CA LEU B 149 -15.04 -20.83 -3.57
C LEU B 149 -14.50 -20.06 -2.38
N PRO B 150 -13.65 -19.06 -2.63
CA PRO B 150 -13.05 -18.24 -1.57
C PRO B 150 -13.99 -17.16 -1.07
N GLN B 151 -13.84 -16.77 0.18
CA GLN B 151 -14.63 -15.69 0.75
C GLN B 151 -13.99 -14.41 0.21
N GLY B 152 -14.82 -13.45 -0.18
CA GLY B 152 -14.27 -12.20 -0.68
C GLY B 152 -14.16 -12.15 -2.20
N TRP B 153 -14.34 -13.30 -2.87
CA TRP B 153 -14.29 -13.30 -4.34
C TRP B 153 -15.71 -13.14 -4.88
N LYS B 154 -15.92 -12.14 -5.74
CA LYS B 154 -17.23 -11.82 -6.33
C LYS B 154 -17.85 -13.05 -6.98
N GLY B 155 -17.01 -13.94 -7.49
CA GLY B 155 -17.53 -15.14 -8.11
C GLY B 155 -18.13 -16.11 -7.11
N SER B 156 -17.79 -15.99 -5.83
CA SER B 156 -18.33 -16.94 -4.86
C SER B 156 -19.82 -16.85 -4.68
N PRO B 157 -20.36 -15.66 -4.41
CA PRO B 157 -21.81 -15.54 -4.24
C PRO B 157 -22.56 -15.79 -5.55
N ALA B 158 -21.90 -15.53 -6.67
CA ALA B 158 -22.51 -15.72 -7.98
C ALA B 158 -22.75 -17.21 -8.25
N ILE B 159 -21.73 -18.03 -8.00
CA ILE B 159 -21.86 -19.46 -8.26
C ILE B 159 -22.73 -20.15 -7.20
N PHE B 160 -22.66 -19.70 -5.96
CA PHE B 160 -23.43 -20.32 -4.89
C PHE B 160 -24.92 -19.97 -4.92
N GLN B 161 -25.26 -18.96 -5.71
CA GLN B 161 -26.62 -18.45 -5.85
C GLN B 161 -27.72 -19.53 -5.88
N SER B 162 -27.60 -20.46 -6.83
CA SER B 162 -28.60 -21.52 -6.96
C SER B 162 -28.78 -22.28 -5.65
N SER B 163 -27.66 -22.63 -5.01
CA SER B 163 -27.71 -23.36 -3.72
C SER B 163 -28.37 -22.50 -2.65
N MET B 164 -28.01 -21.22 -2.61
CA MET B 164 -28.59 -20.31 -1.62
C MET B 164 -30.11 -20.19 -1.73
N THR B 165 -30.61 -20.05 -2.95
CA THR B 165 -32.05 -19.95 -3.16
C THR B 165 -32.77 -21.22 -2.71
N LYS B 166 -32.19 -22.39 -2.98
CA LYS B 166 -32.79 -23.66 -2.57
C LYS B 166 -32.79 -23.80 -1.05
N ILE B 167 -31.77 -23.27 -0.39
CA ILE B 167 -31.67 -23.34 1.06
C ILE B 167 -32.65 -22.39 1.75
N LEU B 168 -32.95 -21.28 1.12
CA LEU B 168 -33.85 -20.28 1.70
C LEU B 168 -35.30 -20.35 1.21
N GLU B 169 -35.54 -21.05 0.11
CA GLU B 169 -36.88 -21.18 -0.46
C GLU B 169 -38.02 -21.44 0.55
N PRO B 170 -37.81 -22.35 1.52
CA PRO B 170 -38.88 -22.61 2.49
C PRO B 170 -39.12 -21.39 3.34
N PHE B 171 -38.03 -20.76 3.75
CA PHE B 171 -38.10 -19.58 4.59
C PHE B 171 -38.81 -18.41 3.91
N LYS B 172 -38.55 -18.20 2.62
CA LYS B 172 -39.18 -17.11 1.91
C LYS B 172 -40.65 -17.36 1.62
N LYS B 173 -40.99 -18.58 1.28
CA LYS B 173 -42.38 -18.91 1.00
C LYS B 173 -43.24 -18.70 2.24
N GLN B 174 -42.60 -18.76 3.41
CA GLN B 174 -43.31 -18.52 4.66
C GLN B 174 -43.29 -17.05 5.04
N ASN B 175 -42.24 -16.35 4.61
CA ASN B 175 -42.10 -14.93 4.90
C ASN B 175 -41.93 -14.16 3.60
N PRO B 176 -43.03 -13.97 2.87
CA PRO B 176 -43.08 -13.25 1.59
C PRO B 176 -42.76 -11.77 1.68
N ASP B 177 -42.68 -11.24 2.90
CA ASP B 177 -42.41 -9.83 3.09
C ASP B 177 -41.00 -9.54 3.60
N ILE B 178 -40.18 -10.58 3.72
CA ILE B 178 -38.82 -10.41 4.19
C ILE B 178 -37.89 -10.29 2.98
N VAL B 179 -37.18 -9.19 2.88
CA VAL B 179 -36.25 -9.03 1.76
C VAL B 179 -34.88 -9.58 2.15
N ILE B 180 -34.40 -10.54 1.38
CA ILE B 180 -33.10 -11.14 1.62
C ILE B 180 -32.20 -10.84 0.44
N TYR B 181 -31.07 -10.20 0.71
CA TYR B 181 -30.11 -9.85 -0.35
C TYR B 181 -28.71 -10.37 -0.01
N GLN B 182 -28.07 -10.96 -1.01
CA GLN B 182 -26.75 -11.49 -0.85
C GLN B 182 -25.73 -10.61 -1.58
N TYR B 183 -24.72 -10.16 -0.86
CA TYR B 183 -23.65 -9.34 -1.42
C TYR B 183 -22.34 -9.90 -0.86
N MET B 184 -21.49 -10.41 -1.74
CA MET B 184 -20.22 -11.01 -1.32
C MET B 184 -20.48 -12.12 -0.31
N ASP B 185 -19.78 -12.09 0.82
CA ASP B 185 -19.94 -13.12 1.84
C ASP B 185 -21.02 -12.73 2.86
N ASP B 186 -21.74 -11.66 2.56
CA ASP B 186 -22.76 -11.19 3.47
C ASP B 186 -24.19 -11.41 2.98
N LEU B 187 -25.09 -11.54 3.93
CA LEU B 187 -26.49 -11.74 3.63
C LEU B 187 -27.26 -10.67 4.38
N TYR B 188 -28.02 -9.86 3.65
CA TYR B 188 -28.80 -8.79 4.24
C TYR B 188 -30.27 -9.22 4.30
N VAL B 189 -30.82 -9.26 5.51
CA VAL B 189 -32.21 -9.65 5.70
C VAL B 189 -33.03 -8.49 6.26
N GLY B 190 -33.90 -7.94 5.42
CA GLY B 190 -34.71 -6.81 5.83
C GLY B 190 -36.18 -7.10 6.04
N SER B 191 -36.73 -6.58 7.13
CA SER B 191 -38.14 -6.78 7.44
C SER B 191 -38.64 -5.58 8.22
N ASP B 192 -39.96 -5.45 8.32
CA ASP B 192 -40.57 -4.36 9.06
C ASP B 192 -41.15 -4.93 10.34
N LEU B 193 -40.93 -6.23 10.53
CA LEU B 193 -41.40 -6.92 11.72
C LEU B 193 -40.99 -6.17 12.98
N GLU B 194 -41.58 -6.57 14.09
CA GLU B 194 -41.28 -5.97 15.37
C GLU B 194 -39.89 -6.46 15.75
N ILE B 195 -39.08 -5.56 16.29
CA ILE B 195 -37.71 -5.86 16.71
C ILE B 195 -37.52 -7.27 17.26
N GLY B 196 -38.31 -7.62 18.29
CA GLY B 196 -38.20 -8.93 18.88
C GLY B 196 -38.52 -10.03 17.87
N GLN B 197 -39.50 -9.75 17.01
CA GLN B 197 -39.92 -10.69 15.98
C GLN B 197 -38.86 -10.76 14.88
N HIS B 198 -38.23 -9.61 14.59
CA HIS B 198 -37.18 -9.53 13.57
C HIS B 198 -36.03 -10.46 13.99
N ARG B 199 -35.62 -10.32 15.25
CA ARG B 199 -34.53 -11.09 15.80
C ARG B 199 -34.82 -12.60 15.83
N THR B 200 -36.07 -12.97 16.05
CA THR B 200 -36.42 -14.39 16.09
C THR B 200 -36.36 -14.95 14.67
N LYS B 201 -36.81 -14.15 13.71
CA LYS B 201 -36.78 -14.57 12.31
C LYS B 201 -35.34 -14.79 11.84
N ILE B 202 -34.45 -13.89 12.20
CA ILE B 202 -33.05 -14.04 11.80
C ILE B 202 -32.54 -15.36 12.34
N GLU B 203 -32.96 -15.70 13.56
CA GLU B 203 -32.52 -16.94 14.19
C GLU B 203 -33.14 -18.16 13.49
N GLU B 204 -34.38 -18.04 13.03
CA GLU B 204 -35.05 -19.14 12.33
C GLU B 204 -34.32 -19.37 11.00
N LEU B 205 -33.88 -18.28 10.38
CA LEU B 205 -33.16 -18.35 9.12
C LEU B 205 -31.78 -18.92 9.42
N ARG B 206 -31.27 -18.56 10.59
CA ARG B 206 -29.96 -19.01 11.03
C ARG B 206 -29.90 -20.53 11.10
N GLN B 207 -30.97 -21.14 11.63
CA GLN B 207 -31.03 -22.59 11.74
C GLN B 207 -30.98 -23.30 10.38
N HIS B 208 -31.69 -22.77 9.40
CA HIS B 208 -31.71 -23.35 8.06
C HIS B 208 -30.30 -23.59 7.55
N LEU B 209 -29.44 -22.58 7.66
CA LEU B 209 -28.06 -22.68 7.21
C LEU B 209 -27.32 -23.77 7.96
N LEU B 210 -27.52 -23.82 9.28
CA LEU B 210 -26.86 -24.84 10.09
C LEU B 210 -27.47 -26.20 9.76
N ARG B 211 -28.80 -26.23 9.65
CA ARG B 211 -29.52 -27.46 9.33
C ARG B 211 -28.96 -28.00 8.01
N TRP B 212 -28.64 -27.09 7.10
CA TRP B 212 -28.06 -27.46 5.81
C TRP B 212 -26.61 -27.78 6.11
N GLY B 213 -26.13 -28.91 5.60
CA GLY B 213 -24.75 -29.29 5.85
C GLY B 213 -24.62 -30.79 5.83
N LEU B 214 -25.16 -31.39 4.77
CA LEU B 214 -25.11 -32.83 4.59
C LEU B 214 -24.22 -33.15 3.38
N THR B 215 -23.38 -32.19 3.00
CA THR B 215 -22.48 -32.34 1.87
C THR B 215 -21.09 -32.78 2.33
N PRO B 225 -21.22 -21.69 10.92
CA PRO B 225 -19.99 -21.42 11.69
C PRO B 225 -18.92 -20.81 10.78
N PRO B 226 -17.92 -20.11 11.35
CA PRO B 226 -17.68 -19.83 12.78
C PRO B 226 -18.10 -18.41 13.18
N PHE B 227 -18.72 -17.68 12.26
CA PHE B 227 -19.16 -16.31 12.56
C PHE B 227 -20.64 -16.10 12.20
N LEU B 228 -21.28 -17.20 11.83
CA LEU B 228 -22.70 -17.20 11.45
C LEU B 228 -23.60 -16.68 12.57
N TRP B 229 -23.26 -17.01 13.81
CA TRP B 229 -24.03 -16.60 15.00
C TRP B 229 -24.13 -15.07 15.17
N MET B 230 -23.17 -14.36 14.60
CA MET B 230 -23.15 -12.91 14.71
C MET B 230 -24.28 -12.26 13.93
N GLY B 231 -24.46 -10.96 14.15
CA GLY B 231 -25.49 -10.21 13.47
C GLY B 231 -25.25 -8.72 13.63
N TYR B 232 -25.37 -8.00 12.52
CA TYR B 232 -25.18 -6.55 12.50
C TYR B 232 -26.53 -5.92 12.15
N GLU B 233 -27.11 -5.17 13.09
CA GLU B 233 -28.41 -4.55 12.88
C GLU B 233 -28.39 -3.14 12.35
N LEU B 234 -29.19 -2.88 11.33
CA LEU B 234 -29.27 -1.56 10.69
C LEU B 234 -30.71 -1.06 10.67
N HIS B 235 -30.90 0.19 10.26
CA HIS B 235 -32.22 0.80 10.20
C HIS B 235 -32.28 1.81 9.06
N PRO B 236 -32.36 1.31 7.81
CA PRO B 236 -32.42 2.17 6.62
C PRO B 236 -33.70 2.99 6.51
N ASP B 237 -34.71 2.64 7.31
CA ASP B 237 -35.98 3.36 7.27
C ASP B 237 -35.77 4.77 7.81
N LYS B 238 -34.99 4.86 8.89
CA LYS B 238 -34.71 6.12 9.53
C LYS B 238 -33.47 6.83 8.99
N TRP B 239 -32.96 6.36 7.84
CA TRP B 239 -31.81 7.00 7.22
C TRP B 239 -32.42 8.18 6.48
N THR B 240 -31.83 9.37 6.62
CA THR B 240 -32.35 10.54 5.92
C THR B 240 -31.20 11.47 5.51
N VAL B 241 -31.20 11.85 4.23
CA VAL B 241 -30.17 12.73 3.69
C VAL B 241 -30.07 14.02 4.53
N GLN B 242 -28.97 14.74 4.36
CA GLN B 242 -28.74 16.00 5.06
C GLN B 242 -28.81 17.17 4.08
N PRO B 243 -29.98 17.82 3.95
CA PRO B 243 -30.22 18.96 3.06
C PRO B 243 -29.40 20.21 3.38
N ILE B 244 -29.42 21.18 2.47
CA ILE B 244 -28.68 22.41 2.64
C ILE B 244 -29.51 23.41 3.43
N VAL B 245 -28.96 23.91 4.52
CA VAL B 245 -29.70 24.90 5.29
C VAL B 245 -28.89 26.18 5.46
N LEU B 246 -29.59 27.30 5.53
CA LEU B 246 -28.98 28.62 5.71
C LEU B 246 -29.27 29.03 7.17
N PRO B 247 -28.37 29.83 7.78
CA PRO B 247 -28.56 30.26 9.17
C PRO B 247 -29.79 31.14 9.32
N GLU B 248 -30.33 31.16 10.54
CA GLU B 248 -31.47 31.99 10.87
C GLU B 248 -30.93 32.85 12.00
N LYS B 249 -30.82 34.15 11.73
CA LYS B 249 -30.26 35.07 12.73
C LYS B 249 -31.05 36.35 12.83
N ASP B 250 -30.79 37.09 13.91
CA ASP B 250 -31.45 38.37 14.12
C ASP B 250 -30.48 39.55 13.85
N SER B 251 -29.17 39.29 13.91
CA SER B 251 -28.17 40.34 13.68
C SER B 251 -27.55 40.35 12.29
N TRP B 252 -26.62 39.43 12.05
CA TRP B 252 -25.91 39.31 10.76
C TRP B 252 -24.71 40.26 10.64
N THR B 253 -23.51 39.70 10.79
CA THR B 253 -22.32 40.52 10.65
C THR B 253 -21.84 40.47 9.17
N VAL B 254 -20.81 41.24 8.87
CA VAL B 254 -20.24 41.26 7.52
C VAL B 254 -19.71 39.86 7.25
N ASN B 255 -19.02 39.29 8.23
CA ASN B 255 -18.50 37.96 8.09
C ASN B 255 -19.61 36.93 7.84
N ASP B 256 -20.69 36.97 8.61
CA ASP B 256 -21.82 36.05 8.41
C ASP B 256 -22.37 36.13 6.98
N ILE B 257 -22.54 37.35 6.49
CA ILE B 257 -23.09 37.54 5.16
C ILE B 257 -22.12 37.04 4.07
N GLN B 258 -20.83 37.21 4.30
CA GLN B 258 -19.84 36.75 3.32
C GLN B 258 -19.82 35.23 3.29
N LYS B 259 -20.03 34.60 4.44
CA LYS B 259 -20.05 33.13 4.48
C LYS B 259 -21.31 32.64 3.79
N LEU B 260 -22.40 33.38 4.01
CA LEU B 260 -23.68 33.07 3.40
C LEU B 260 -23.63 33.17 1.87
N VAL B 261 -23.02 34.23 1.37
CA VAL B 261 -22.90 34.43 -0.08
C VAL B 261 -22.02 33.34 -0.68
N GLY B 262 -20.98 32.96 0.06
CA GLY B 262 -20.09 31.93 -0.43
C GLY B 262 -20.85 30.63 -0.56
N LYS B 263 -21.63 30.32 0.47
CA LYS B 263 -22.39 29.08 0.48
C LYS B 263 -23.47 29.09 -0.60
N LEU B 264 -24.17 30.22 -0.77
CA LEU B 264 -25.22 30.29 -1.78
C LEU B 264 -24.64 30.17 -3.19
N ASN B 265 -23.47 30.76 -3.37
CA ASN B 265 -22.75 30.73 -4.64
C ASN B 265 -22.44 29.27 -4.99
N TRP B 266 -21.95 28.54 -4.00
CA TRP B 266 -21.64 27.12 -4.17
C TRP B 266 -22.91 26.34 -4.53
N ALA B 267 -23.99 26.65 -3.84
CA ALA B 267 -25.26 25.98 -4.05
C ALA B 267 -25.90 26.29 -5.40
N SER B 268 -25.61 27.46 -5.94
CA SER B 268 -26.15 27.85 -7.24
C SER B 268 -25.64 26.90 -8.33
N GLN B 269 -24.64 26.10 -8.00
CA GLN B 269 -24.11 25.11 -8.94
C GLN B 269 -25.01 23.88 -8.90
N ILE B 270 -25.78 23.76 -7.82
CA ILE B 270 -26.69 22.63 -7.65
C ILE B 270 -28.11 23.05 -7.95
N TYR B 271 -28.53 24.20 -7.39
CA TYR B 271 -29.87 24.73 -7.60
C TYR B 271 -29.79 26.00 -8.43
N PRO B 272 -30.21 25.92 -9.70
CA PRO B 272 -30.21 27.01 -10.69
C PRO B 272 -30.91 28.30 -10.26
N GLY B 273 -31.99 28.19 -9.49
CA GLY B 273 -32.72 29.38 -9.08
C GLY B 273 -32.10 30.26 -7.99
N ILE B 274 -31.02 29.81 -7.36
CA ILE B 274 -30.38 30.58 -6.30
C ILE B 274 -29.88 31.92 -6.78
N LYS B 275 -30.09 32.97 -5.98
CA LYS B 275 -29.61 34.31 -6.32
C LYS B 275 -28.95 34.97 -5.12
N VAL B 276 -27.86 35.71 -5.37
CA VAL B 276 -27.14 36.39 -4.29
C VAL B 276 -26.96 37.88 -4.55
N ARG B 277 -27.54 38.36 -5.63
CA ARG B 277 -27.43 39.77 -6.01
C ARG B 277 -27.75 40.75 -4.88
N GLN B 278 -28.93 40.62 -4.30
CA GLN B 278 -29.34 41.50 -3.21
C GLN B 278 -28.46 41.38 -1.95
N LEU B 279 -28.14 40.15 -1.56
CA LEU B 279 -27.31 39.93 -0.38
C LEU B 279 -25.92 40.48 -0.63
N SER B 280 -25.42 40.30 -1.86
CA SER B 280 -24.09 40.81 -2.23
C SER B 280 -24.04 42.32 -2.10
N LYS B 281 -25.13 43.01 -2.46
CA LYS B 281 -25.18 44.46 -2.36
C LYS B 281 -24.87 44.96 -0.95
N LEU B 282 -25.12 44.11 0.04
CA LEU B 282 -24.88 44.46 1.43
C LEU B 282 -23.40 44.44 1.75
N LEU B 283 -22.63 43.75 0.91
CA LEU B 283 -21.18 43.63 1.09
C LEU B 283 -20.37 44.61 0.23
N ARG B 284 -21.06 45.54 -0.41
CA ARG B 284 -20.39 46.54 -1.21
C ARG B 284 -19.90 47.61 -0.26
N GLY B 285 -18.58 47.70 -0.11
CA GLY B 285 -18.02 48.67 0.80
C GLY B 285 -16.83 48.04 1.47
N THR B 286 -16.29 48.71 2.47
CA THR B 286 -15.14 48.21 3.18
C THR B 286 -15.38 48.27 4.67
N LYS B 287 -16.18 47.34 5.17
CA LYS B 287 -16.51 47.33 6.58
C LYS B 287 -15.77 46.27 7.38
N ALA B 288 -15.72 46.49 8.69
CA ALA B 288 -15.08 45.56 9.59
C ALA B 288 -15.88 44.24 9.52
N LEU B 289 -15.16 43.11 9.51
CA LEU B 289 -15.79 41.80 9.45
C LEU B 289 -16.80 41.52 10.59
N THR B 290 -16.51 42.04 11.78
CA THR B 290 -17.39 41.82 12.95
C THR B 290 -18.51 42.84 13.07
N GLU B 291 -18.70 43.65 12.03
CA GLU B 291 -19.73 44.65 12.05
C GLU B 291 -21.11 44.12 11.66
N VAL B 292 -22.12 44.55 12.40
CA VAL B 292 -23.49 44.14 12.15
C VAL B 292 -24.14 44.98 11.08
N ILE B 293 -24.71 44.32 10.11
CA ILE B 293 -25.36 45.02 8.99
C ILE B 293 -26.81 44.60 8.92
N PRO B 294 -27.74 45.57 8.90
CA PRO B 294 -29.17 45.26 8.81
C PRO B 294 -29.52 44.76 7.42
N LEU B 295 -30.43 43.80 7.35
CA LEU B 295 -30.82 43.28 6.06
C LEU B 295 -31.86 44.16 5.38
N THR B 296 -31.58 44.57 4.14
CA THR B 296 -32.51 45.38 3.37
C THR B 296 -33.70 44.45 3.13
N GLU B 297 -34.85 45.03 2.78
CA GLU B 297 -36.03 44.21 2.52
C GLU B 297 -35.83 43.36 1.27
N GLU B 298 -35.05 43.87 0.33
CA GLU B 298 -34.75 43.15 -0.89
C GLU B 298 -33.89 41.92 -0.56
N ALA B 299 -32.95 42.09 0.37
CA ALA B 299 -32.07 41.00 0.78
C ALA B 299 -32.90 39.97 1.56
N GLU B 300 -33.75 40.46 2.46
CA GLU B 300 -34.61 39.60 3.27
C GLU B 300 -35.43 38.70 2.36
N LEU B 301 -35.93 39.29 1.29
CA LEU B 301 -36.74 38.57 0.32
C LEU B 301 -35.92 37.49 -0.41
N GLU B 302 -34.77 37.88 -0.94
CA GLU B 302 -33.91 36.95 -1.65
C GLU B 302 -33.53 35.75 -0.76
N LEU B 303 -33.18 36.04 0.49
CA LEU B 303 -32.84 34.98 1.40
C LEU B 303 -34.02 34.01 1.56
N ALA B 304 -35.23 34.56 1.66
CA ALA B 304 -36.44 33.75 1.81
C ALA B 304 -36.66 32.88 0.58
N GLU B 305 -36.51 33.49 -0.60
CA GLU B 305 -36.66 32.75 -1.86
C GLU B 305 -35.63 31.61 -1.93
N ASN B 306 -34.37 31.93 -1.63
CA ASN B 306 -33.30 30.92 -1.64
C ASN B 306 -33.57 29.79 -0.65
N ARG B 307 -34.00 30.17 0.55
CA ARG B 307 -34.29 29.21 1.61
C ARG B 307 -35.39 28.24 1.11
N GLU B 308 -36.36 28.76 0.36
CA GLU B 308 -37.42 27.89 -0.16
C GLU B 308 -36.86 26.94 -1.21
N ILE B 309 -36.16 27.48 -2.20
CA ILE B 309 -35.55 26.67 -3.23
C ILE B 309 -34.80 25.47 -2.65
N LEU B 310 -34.11 25.68 -1.54
CA LEU B 310 -33.32 24.63 -0.90
C LEU B 310 -34.13 23.54 -0.19
N LYS B 311 -35.42 23.77 -0.02
CA LYS B 311 -36.26 22.79 0.64
C LYS B 311 -36.66 21.69 -0.35
N GLU B 312 -36.60 22.01 -1.63
CA GLU B 312 -36.95 21.06 -2.67
C GLU B 312 -35.73 20.25 -3.12
N PRO B 313 -35.96 19.03 -3.61
CA PRO B 313 -34.85 18.18 -4.06
C PRO B 313 -34.22 18.77 -5.33
N VAL B 314 -33.07 18.23 -5.71
CA VAL B 314 -32.37 18.66 -6.91
C VAL B 314 -33.03 18.02 -8.11
N HIS B 315 -32.97 18.70 -9.25
CA HIS B 315 -33.60 18.20 -10.47
C HIS B 315 -32.66 17.49 -11.42
N GLY B 316 -33.03 16.26 -11.79
CA GLY B 316 -32.23 15.48 -12.71
C GLY B 316 -31.28 14.48 -12.05
N VAL B 317 -31.68 13.94 -10.90
CA VAL B 317 -30.82 13.00 -10.22
C VAL B 317 -31.45 11.65 -9.98
N TYR B 318 -30.88 10.65 -10.64
CA TYR B 318 -31.33 9.29 -10.52
C TYR B 318 -30.06 8.46 -10.69
N TYR B 319 -30.06 7.29 -10.09
CA TYR B 319 -28.92 6.39 -10.15
C TYR B 319 -28.73 5.75 -11.52
N ASP B 320 -27.51 5.82 -12.03
CA ASP B 320 -27.20 5.21 -13.30
C ASP B 320 -26.29 4.03 -12.99
N PRO B 321 -26.82 2.80 -13.07
CA PRO B 321 -26.07 1.56 -12.78
C PRO B 321 -24.80 1.34 -13.60
N SER B 322 -24.68 2.01 -14.74
CA SER B 322 -23.53 1.86 -15.62
C SER B 322 -22.35 2.74 -15.21
N LYS B 323 -22.53 3.49 -14.13
CA LYS B 323 -21.48 4.38 -13.67
C LYS B 323 -21.06 4.08 -12.23
N ASP B 324 -19.83 4.44 -11.92
CA ASP B 324 -19.33 4.22 -10.58
C ASP B 324 -19.93 5.23 -9.61
N LEU B 325 -20.06 4.80 -8.36
CA LEU B 325 -20.54 5.62 -7.27
C LEU B 325 -19.27 6.20 -6.62
N ILE B 326 -19.30 7.48 -6.32
CA ILE B 326 -18.16 8.15 -5.73
C ILE B 326 -18.55 8.66 -4.35
N ALA B 327 -17.68 8.47 -3.38
CA ALA B 327 -17.98 8.97 -2.05
C ALA B 327 -16.92 9.97 -1.57
N GLU B 328 -17.34 11.17 -1.17
CA GLU B 328 -16.40 12.13 -0.63
C GLU B 328 -16.70 12.27 0.86
N ILE B 329 -15.63 12.41 1.65
CA ILE B 329 -15.70 12.51 3.09
C ILE B 329 -14.92 13.75 3.58
N GLN B 330 -15.48 14.50 4.52
CA GLN B 330 -14.76 15.63 5.07
C GLN B 330 -14.71 15.52 6.59
N LYS B 331 -13.55 15.81 7.16
CA LYS B 331 -13.35 15.82 8.60
C LYS B 331 -13.87 17.18 9.09
N GLN B 332 -14.91 17.18 9.93
CA GLN B 332 -15.44 18.43 10.44
C GLN B 332 -14.92 18.76 11.83
N GLY B 333 -14.20 17.81 12.43
CA GLY B 333 -13.65 18.07 13.75
C GLY B 333 -14.62 17.65 14.84
N GLN B 334 -14.11 17.49 16.05
CA GLN B 334 -14.94 17.06 17.17
C GLN B 334 -15.59 15.73 16.88
N GLY B 335 -14.86 14.84 16.19
CA GLY B 335 -15.40 13.53 15.88
C GLY B 335 -16.55 13.49 14.90
N GLN B 336 -16.79 14.58 14.19
CA GLN B 336 -17.88 14.62 13.22
C GLN B 336 -17.33 14.57 11.79
N TRP B 337 -18.04 13.84 10.94
CA TRP B 337 -17.66 13.64 9.54
C TRP B 337 -18.88 13.75 8.64
N THR B 338 -18.72 14.43 7.51
CA THR B 338 -19.80 14.57 6.54
C THR B 338 -19.37 13.83 5.29
N TYR B 339 -20.34 13.41 4.47
CA TYR B 339 -20.03 12.68 3.25
C TYR B 339 -21.14 12.86 2.22
N GLN B 340 -20.76 12.72 0.95
CA GLN B 340 -21.72 12.81 -0.15
C GLN B 340 -21.40 11.68 -1.13
N ILE B 341 -22.43 11.09 -1.72
CA ILE B 341 -22.23 10.02 -2.70
C ILE B 341 -22.89 10.51 -3.99
N TYR B 342 -22.16 10.46 -5.10
CA TYR B 342 -22.70 10.94 -6.35
C TYR B 342 -21.98 10.21 -7.50
N GLN B 343 -22.49 10.34 -8.72
CA GLN B 343 -21.82 9.71 -9.85
C GLN B 343 -21.30 10.83 -10.74
N GLU B 344 -22.05 11.93 -10.75
CA GLU B 344 -21.72 13.12 -11.52
C GLU B 344 -21.71 14.28 -10.52
N PRO B 345 -20.72 15.16 -10.60
CA PRO B 345 -20.64 16.31 -9.69
C PRO B 345 -21.91 17.16 -9.61
N PHE B 346 -22.23 17.57 -8.39
CA PHE B 346 -23.39 18.41 -8.11
C PHE B 346 -24.70 17.64 -8.25
N LYS B 347 -24.62 16.33 -8.38
CA LYS B 347 -25.83 15.53 -8.51
C LYS B 347 -25.73 14.44 -7.45
N ASN B 348 -25.85 14.84 -6.20
CA ASN B 348 -25.74 13.89 -5.09
C ASN B 348 -26.94 12.97 -5.01
N LEU B 349 -26.69 11.71 -4.67
CA LEU B 349 -27.75 10.71 -4.52
C LEU B 349 -27.98 10.58 -3.03
N LYS B 350 -26.98 10.95 -2.25
CA LYS B 350 -27.09 10.88 -0.81
C LYS B 350 -26.00 11.68 -0.15
N THR B 351 -26.36 12.36 0.93
CA THR B 351 -25.39 13.14 1.69
C THR B 351 -25.70 12.78 3.14
N GLY B 352 -24.67 12.69 3.97
CA GLY B 352 -24.89 12.32 5.35
C GLY B 352 -23.89 12.97 6.29
N LYS B 353 -24.07 12.70 7.57
CA LYS B 353 -23.21 13.27 8.59
C LYS B 353 -23.05 12.26 9.73
N TYR B 354 -21.82 12.08 10.20
CA TYR B 354 -21.55 11.17 11.30
C TYR B 354 -20.92 11.91 12.45
N ALA B 355 -21.43 11.67 13.65
CA ALA B 355 -20.92 12.28 14.89
C ALA B 355 -20.55 11.17 15.85
N ARG B 356 -20.02 11.55 17.02
CA ARG B 356 -19.63 10.57 18.02
C ARG B 356 -18.75 9.55 17.32
N MET B 357 -19.22 8.30 17.26
CA MET B 357 -18.50 7.21 16.58
C MET B 357 -17.35 6.62 17.40
N ARG B 358 -17.37 5.30 17.55
CA ARG B 358 -16.34 4.57 18.28
C ARG B 358 -14.98 4.91 17.67
N GLY B 359 -14.03 5.32 18.51
CA GLY B 359 -12.72 5.67 18.01
C GLY B 359 -12.41 7.16 18.19
N ALA B 360 -13.45 7.96 18.44
CA ALA B 360 -13.26 9.40 18.64
C ALA B 360 -12.29 9.55 19.80
N HIS B 361 -11.99 8.42 20.41
CA HIS B 361 -11.07 8.35 21.51
C HIS B 361 -9.66 8.65 21.04
N THR B 362 -9.48 9.89 20.57
CA THR B 362 -8.18 10.38 20.11
C THR B 362 -7.58 9.70 18.88
N ASN B 363 -8.41 9.11 18.01
CA ASN B 363 -7.89 8.44 16.80
C ASN B 363 -8.70 8.75 15.53
N ASP B 364 -8.21 9.74 14.78
CA ASP B 364 -8.80 10.20 13.53
C ASP B 364 -8.91 9.13 12.45
N VAL B 365 -7.84 8.37 12.29
CA VAL B 365 -7.79 7.33 11.26
C VAL B 365 -8.76 6.19 11.55
N LYS B 366 -8.95 5.86 12.83
CA LYS B 366 -9.89 4.82 13.21
C LYS B 366 -11.32 5.34 12.94
N GLN B 367 -11.52 6.64 13.12
CA GLN B 367 -12.85 7.19 12.89
C GLN B 367 -13.15 7.15 11.38
N LEU B 368 -12.17 7.57 10.58
CA LEU B 368 -12.35 7.56 9.13
C LEU B 368 -12.61 6.14 8.63
N THR B 369 -11.84 5.18 9.14
CA THR B 369 -11.97 3.78 8.72
C THR B 369 -13.36 3.29 8.99
N GLU B 370 -13.93 3.71 10.12
CA GLU B 370 -15.28 3.32 10.49
C GLU B 370 -16.29 4.03 9.63
N ALA B 371 -16.05 5.30 9.32
CA ALA B 371 -16.96 6.05 8.45
C ALA B 371 -16.98 5.36 7.09
N VAL B 372 -15.82 4.93 6.62
CA VAL B 372 -15.76 4.24 5.32
C VAL B 372 -16.61 2.96 5.30
N GLN B 373 -16.52 2.18 6.38
CA GLN B 373 -17.30 0.95 6.47
C GLN B 373 -18.80 1.24 6.54
N LYS B 374 -19.21 2.24 7.31
CA LYS B 374 -20.64 2.57 7.42
C LYS B 374 -21.20 3.05 6.09
N ILE B 375 -20.47 3.96 5.45
CA ILE B 375 -20.89 4.47 4.17
C ILE B 375 -21.02 3.34 3.15
N THR B 376 -20.10 2.39 3.19
CA THR B 376 -20.11 1.29 2.23
C THR B 376 -21.33 0.39 2.42
N THR B 377 -21.63 0.04 3.68
CA THR B 377 -22.79 -0.81 3.94
C THR B 377 -24.07 -0.08 3.50
N GLU B 378 -24.15 1.21 3.77
CA GLU B 378 -25.32 1.98 3.35
C GLU B 378 -25.41 1.90 1.84
N SER B 379 -24.26 1.99 1.18
CA SER B 379 -24.24 1.96 -0.27
C SER B 379 -24.65 0.59 -0.84
N ILE B 380 -24.29 -0.47 -0.13
CA ILE B 380 -24.64 -1.82 -0.56
C ILE B 380 -26.16 -1.97 -0.50
N VAL B 381 -26.75 -1.50 0.59
CA VAL B 381 -28.19 -1.59 0.80
C VAL B 381 -28.99 -0.79 -0.23
N ILE B 382 -28.56 0.44 -0.47
CA ILE B 382 -29.26 1.30 -1.41
C ILE B 382 -29.07 0.96 -2.87
N TRP B 383 -27.83 0.72 -3.31
CA TRP B 383 -27.62 0.43 -4.75
C TRP B 383 -27.08 -0.94 -5.10
N GLY B 384 -26.63 -1.69 -4.09
CA GLY B 384 -26.12 -3.01 -4.38
C GLY B 384 -24.66 -3.01 -4.82
N LYS B 385 -23.95 -1.93 -4.51
CA LYS B 385 -22.54 -1.89 -4.85
C LYS B 385 -21.78 -0.88 -3.99
N THR B 386 -20.48 -1.09 -3.86
CA THR B 386 -19.66 -0.21 -3.05
C THR B 386 -19.15 0.99 -3.85
N PRO B 387 -18.96 2.12 -3.17
CA PRO B 387 -18.49 3.29 -3.91
C PRO B 387 -16.98 3.42 -3.91
N LYS B 388 -16.48 4.26 -4.82
CA LYS B 388 -15.06 4.57 -4.90
C LYS B 388 -14.86 5.80 -3.97
N PHE B 389 -14.05 5.65 -2.93
CA PHE B 389 -13.86 6.73 -1.98
C PHE B 389 -12.75 7.73 -2.27
N LYS B 390 -13.01 8.98 -1.91
CA LYS B 390 -12.02 10.06 -2.02
C LYS B 390 -11.79 10.42 -0.55
N LEU B 391 -10.68 9.92 0.00
CA LEU B 391 -10.31 10.10 1.39
C LEU B 391 -9.45 11.30 1.77
N PRO B 392 -9.85 12.04 2.83
CA PRO B 392 -9.11 13.22 3.32
C PRO B 392 -7.97 12.71 4.26
N ILE B 393 -6.92 12.19 3.65
CA ILE B 393 -5.82 11.65 4.42
C ILE B 393 -4.71 11.34 3.46
N GLN B 394 -3.49 11.29 3.97
CA GLN B 394 -2.31 10.97 3.19
C GLN B 394 -2.24 9.45 2.98
N LYS B 395 -1.85 9.06 1.78
CA LYS B 395 -1.75 7.65 1.41
C LYS B 395 -1.00 6.83 2.42
N GLU B 396 0.15 7.35 2.82
CA GLU B 396 1.05 6.67 3.76
C GLU B 396 0.43 6.46 5.13
N THR B 397 -0.36 7.41 5.62
CA THR B 397 -0.95 7.24 6.92
C THR B 397 -1.99 6.15 6.81
N TRP B 398 -2.87 6.29 5.83
CA TRP B 398 -3.94 5.33 5.65
C TRP B 398 -3.48 3.91 5.44
N GLU B 399 -2.54 3.72 4.53
CA GLU B 399 -2.06 2.38 4.22
C GLU B 399 -1.33 1.71 5.39
N THR B 400 -0.85 2.51 6.32
CA THR B 400 -0.14 1.98 7.48
C THR B 400 -1.11 1.47 8.55
N TRP B 401 -2.25 2.14 8.67
CA TRP B 401 -3.20 1.82 9.74
C TRP B 401 -4.58 1.26 9.49
N TRP B 402 -5.17 1.42 8.29
CA TRP B 402 -6.55 0.95 8.09
C TRP B 402 -6.87 -0.51 8.39
N THR B 403 -5.92 -1.41 8.20
CA THR B 403 -6.21 -2.82 8.46
C THR B 403 -6.34 -3.07 9.96
N GLU B 404 -5.83 -2.17 10.79
CA GLU B 404 -5.94 -2.33 12.23
C GLU B 404 -7.34 -2.10 12.75
N TYR B 405 -8.19 -1.43 11.98
CA TYR B 405 -9.54 -1.13 12.43
C TYR B 405 -10.63 -1.66 11.52
N TRP B 406 -10.24 -2.43 10.51
CA TRP B 406 -11.21 -2.96 9.56
C TRP B 406 -11.98 -4.15 10.13
N GLN B 407 -13.29 -4.12 9.97
CA GLN B 407 -14.09 -5.20 10.50
C GLN B 407 -15.01 -5.84 9.46
N ALA B 408 -15.01 -5.29 8.25
CA ALA B 408 -15.85 -5.82 7.20
C ALA B 408 -15.12 -6.89 6.42
N THR B 409 -15.88 -7.73 5.74
CA THR B 409 -15.31 -8.83 4.97
C THR B 409 -15.07 -8.46 3.52
N TRP B 410 -15.53 -7.29 3.12
CA TRP B 410 -15.30 -6.75 1.77
C TRP B 410 -14.40 -5.52 1.90
N ILE B 411 -13.88 -5.03 0.78
CA ILE B 411 -13.01 -3.86 0.79
C ILE B 411 -13.26 -3.03 -0.47
N PRO B 412 -13.66 -1.76 -0.30
CA PRO B 412 -13.94 -0.85 -1.42
C PRO B 412 -12.67 -0.25 -1.99
N GLU B 413 -12.80 0.49 -3.08
CA GLU B 413 -11.64 1.15 -3.69
C GLU B 413 -11.58 2.55 -3.09
N TRP B 414 -10.41 3.17 -3.13
CA TRP B 414 -10.22 4.52 -2.61
C TRP B 414 -9.03 5.19 -3.24
N GLU B 415 -9.03 6.52 -3.15
CA GLU B 415 -7.93 7.39 -3.61
C GLU B 415 -7.82 8.50 -2.55
N PHE B 416 -6.79 9.32 -2.63
CA PHE B 416 -6.53 10.37 -1.64
C PHE B 416 -6.68 11.81 -2.14
N VAL B 417 -7.26 12.65 -1.29
CA VAL B 417 -7.58 14.07 -1.58
C VAL B 417 -6.68 15.18 -1.04
N ASN B 418 -7.03 16.44 -1.39
CA ASN B 418 -6.35 17.68 -0.91
C ASN B 418 -7.10 19.03 -0.80
N THR B 419 -7.21 19.46 0.45
CA THR B 419 -7.83 20.67 0.97
C THR B 419 -8.86 21.48 0.19
N PRO B 420 -10.14 21.08 0.30
CA PRO B 420 -11.25 21.75 -0.37
C PRO B 420 -12.07 22.66 0.56
N PRO B 421 -12.47 23.85 0.10
CA PRO B 421 -13.27 24.70 0.99
C PRO B 421 -14.72 24.19 1.04
N LEU B 422 -14.97 23.10 0.32
CA LEU B 422 -16.30 22.50 0.28
C LEU B 422 -16.77 22.05 1.67
N VAL B 423 -15.81 21.89 2.58
CA VAL B 423 -16.05 21.45 3.96
C VAL B 423 -16.98 22.38 4.75
N LYS B 424 -16.71 23.68 4.67
CA LYS B 424 -17.52 24.66 5.39
C LYS B 424 -18.98 24.65 4.93
N LEU B 425 -19.19 24.39 3.65
CA LEU B 425 -20.52 24.38 3.10
C LEU B 425 -21.34 23.17 3.60
N TRP B 426 -20.66 22.16 4.13
CA TRP B 426 -21.35 20.96 4.65
C TRP B 426 -21.37 20.98 6.17
N TYR B 427 -20.80 22.03 6.74
CA TYR B 427 -20.71 22.25 8.19
C TYR B 427 -20.83 20.97 9.02
MG MG C . 19.06 1.52 9.57
MG MG D . -7.32 38.17 -6.39
MG MG E . 33.17 -9.51 13.47
C1 EDO F . -12.63 40.98 -2.05
O1 EDO F . -11.30 40.91 -1.51
C2 EDO F . -12.62 40.54 -3.50
O2 EDO F . -13.93 40.70 -4.06
C1 EDO G . 26.32 -34.68 -8.17
O1 EDO G . 26.52 -33.28 -8.44
C2 EDO G . 26.07 -35.43 -9.49
O2 EDO G . 27.33 -35.89 -10.02
C1 GOL H . 12.45 -20.93 17.38
O1 GOL H . 11.16 -20.96 16.80
C2 GOL H . 12.91 -22.35 17.70
O2 GOL H . 12.93 -23.14 16.51
C3 GOL H . 14.31 -22.32 18.34
O3 GOL H . 14.74 -23.64 18.62
C1 GOL I . 22.59 -0.71 14.04
O1 GOL I . 22.92 0.31 14.98
C2 GOL I . 21.79 -0.12 12.85
O2 GOL I . 22.56 0.91 12.19
C3 GOL I . 21.44 -1.24 11.86
O3 GOL I . 20.68 -0.72 10.76
C1 GOL J . -16.03 34.27 4.51
O1 GOL J . -16.23 35.50 5.21
C2 GOL J . -14.87 33.50 5.16
O2 GOL J . -15.23 33.20 6.53
C3 GOL J . -14.59 32.19 4.41
O3 GOL J . -13.49 31.51 5.02
C1 EDO K . 8.59 -35.06 -15.62
O1 EDO K . 9.64 -34.37 -14.86
C2 EDO K . 7.40 -34.12 -15.92
O2 EDO K . 7.48 -33.60 -17.29
C1 EDO L . 1.78 -6.19 17.55
O1 EDO L . 0.86 -6.29 18.63
C2 EDO L . 1.39 -5.01 16.65
O2 EDO L . 2.09 -3.84 17.04
C1 GOL M . -2.98 15.92 24.92
O1 GOL M . -2.42 14.66 25.41
C2 GOL M . -2.44 17.14 25.72
O2 GOL M . -1.02 17.21 25.61
C3 GOL M . -3.06 18.43 25.16
O3 GOL M . -2.55 19.57 25.87
C1 EDO N . 20.59 -33.51 21.01
O1 EDO N . 21.50 -34.24 21.85
C2 EDO N . 21.38 -32.55 20.11
O2 EDO N . 22.09 -33.28 19.10
C1 EDO O . 22.39 -15.05 17.01
O1 EDO O . 21.56 -15.36 15.89
C2 EDO O . 23.78 -15.60 16.73
O2 EDO O . 24.48 -15.73 17.97
C1 EDO P . 5.44 4.12 5.73
O1 EDO P . 4.25 3.31 5.75
C2 EDO P . 5.32 5.23 4.70
O2 EDO P . 5.47 6.53 5.32
C1 EDO Q . 2.20 -1.74 8.02
O1 EDO Q . 2.48 -0.55 7.27
C2 EDO Q . 0.94 -2.41 7.47
O2 EDO Q . 1.23 -2.99 6.20
MG MG R . -0.21 -12.78 -0.02
C1 EDO S . -12.13 18.24 5.62
O1 EDO S . -11.56 16.95 5.83
C2 EDO S . -11.60 19.21 6.69
O2 EDO S . -11.71 20.56 6.21
C1 EDO T . -21.52 -8.77 -5.05
O1 EDO T . -21.93 -10.09 -4.67
C2 EDO T . -20.81 -8.77 -6.41
O2 EDO T . -21.38 -7.74 -7.22
C1 EDO U . -2.39 -2.32 3.90
O1 EDO U . -1.53 -2.06 5.03
C2 EDO U . -1.96 -1.44 2.75
O2 EDO U . -3.01 -1.40 1.80
C1 EDO V . -12.40 -0.48 15.00
O1 EDO V . -13.11 -0.19 13.77
C2 EDO V . -12.03 -1.97 15.04
O2 EDO V . -10.99 -2.18 15.99
C1 GOL W . -8.57 -5.71 12.47
O1 GOL W . -9.95 -5.67 12.80
C2 GOL W . -7.74 -5.82 13.77
O2 GOL W . -8.12 -7.01 14.49
C3 GOL W . -6.26 -5.87 13.39
O3 GOL W . -5.43 -5.97 14.57
C1 EDO X . -38.76 13.17 -12.49
O1 EDO X . -39.21 13.92 -11.36
C2 EDO X . -38.36 14.17 -13.59
O2 EDO X . -37.36 13.58 -14.45
C1 GOL Y . 5.40 -30.71 -5.85
O1 GOL Y . 6.33 -31.80 -5.76
C2 GOL Y . 5.89 -29.67 -6.86
O2 GOL Y . 6.06 -30.29 -8.15
C3 GOL Y . 4.88 -28.52 -6.96
O3 GOL Y . 5.34 -27.54 -7.90
C1 EDO Z . -12.08 -29.62 -1.79
O1 EDO Z . -10.71 -29.95 -2.12
C2 EDO Z . -12.97 -29.69 -3.05
O2 EDO Z . -12.36 -28.96 -4.13
#